data_4X4Q
#
_entry.id   4X4Q
#
_cell.length_a   111.484
_cell.length_b   215.582
_cell.length_c   58.469
_cell.angle_alpha   90.000
_cell.angle_beta   90.000
_cell.angle_gamma   90.000
#
_symmetry.space_group_name_H-M   'P 21 21 2'
#
loop_
_entity.id
_entity.type
_entity.pdbx_description
1 polymer 'CCA-adding enzyme'
2 polymer 'G70A tRNA minihelix ending in CCAC'
3 non-polymer 'MAGNESIUM ION'
4 non-polymer "CYTIDINE-5'-TRIPHOSPHATE"
5 non-polymer DI(HYDROXYETHYL)ETHER
6 non-polymer GLYCEROL
7 water water
#
loop_
_entity_poly.entity_id
_entity_poly.type
_entity_poly.pdbx_seq_one_letter_code
_entity_poly.pdbx_strand_id
1 'polypeptide(L)'
;MKVEEILEKALELVIPDEEEVRKGREAEEELRRRLDELGVEYVFVGSYARNTWLKGSLEIDVFLLFPEEFSKEELRERGL
EIGKAVLDSYEIRYAEHPYVHGVVKGVEVDVVPCYKLKEPKNIKSAVDRTPFHHKWLEGRIKGKENEVRLLKGFLKANGI
YGAEYKVRGFSGYLCELLIVFYGSFLETVKNARRWTRRTVIDVAKGEVRKGEEFFVVDPVDEKRNVAANLSLDNLARFVH
LCREFMEAPSLGFFKPKHPLEIEPERLRKIVEERGTAVFAVKFRKPDIVDDNLYPQLERASRKIFEFLERENFMPLRSAF
KASEEFCYLLFECQIKEISRVFRRMGPQFEDERNVKKFLSRNRAFRPFIENGRWWAFEMRKFTTPEEGVRSYASTHWHTL
GKNVGESIREYFEIISGEKLFKEPVTAELCEMMGVKDSNSSSVDKLAAALEHHHHHH
;
A,C
2 'polyribonucleotide' GGCCGCGGCAGGUUCGAGUCCUGCCGCGAUCGCCAC B,D
#
# COMPACT_ATOMS: atom_id res chain seq x y z
CA MET A 1 36.86 20.59 26.02
C MET A 1 36.93 19.07 25.95
N LYS A 2 37.66 18.48 26.90
CA LYS A 2 37.82 17.04 26.95
C LYS A 2 36.61 16.38 27.61
N VAL A 3 36.50 15.06 27.50
CA VAL A 3 35.39 14.32 28.08
C VAL A 3 35.20 14.62 29.56
N GLU A 4 36.31 14.82 30.26
CA GLU A 4 36.27 14.96 31.72
C GLU A 4 36.03 16.40 32.17
N GLU A 5 36.40 17.37 31.34
CA GLU A 5 36.24 18.77 31.72
C GLU A 5 34.78 19.19 31.60
N ILE A 6 34.01 18.41 30.85
CA ILE A 6 32.60 18.68 30.65
C ILE A 6 31.78 18.07 31.78
N LEU A 7 32.21 16.90 32.26
CA LEU A 7 31.56 16.25 33.39
C LEU A 7 31.76 17.06 34.66
N GLU A 8 32.85 17.83 34.71
CA GLU A 8 33.11 18.73 35.82
C GLU A 8 32.03 19.81 35.85
N LYS A 9 31.82 20.44 34.69
CA LYS A 9 30.87 21.54 34.58
C LYS A 9 29.44 21.03 34.66
N ALA A 10 29.27 19.72 34.52
CA ALA A 10 27.95 19.10 34.58
C ALA A 10 27.52 18.78 36.01
N LEU A 11 28.50 18.60 36.89
CA LEU A 11 28.21 18.33 38.30
C LEU A 11 27.61 19.54 38.98
N GLU A 12 27.82 20.71 38.39
CA GLU A 12 27.30 21.97 38.92
C GLU A 12 25.82 22.10 38.57
N LEU A 13 25.32 21.19 37.75
CA LEU A 13 23.96 21.23 37.26
C LEU A 13 23.10 20.14 37.91
N VAL A 14 23.74 19.07 38.37
CA VAL A 14 23.02 17.91 38.91
C VAL A 14 23.16 17.75 40.43
N ILE A 15 24.20 18.34 41.01
CA ILE A 15 24.41 18.21 42.47
C ILE A 15 23.67 19.33 43.21
N PRO A 16 22.86 18.95 44.22
CA PRO A 16 22.13 19.97 45.00
C PRO A 16 23.06 20.90 45.77
N ASP A 17 22.78 22.20 45.73
CA ASP A 17 23.52 23.15 46.53
C ASP A 17 23.20 22.90 48.00
N GLU A 18 24.09 23.32 48.89
CA GLU A 18 23.96 22.97 50.31
C GLU A 18 22.83 23.73 50.99
N GLU A 19 22.34 24.77 50.34
CA GLU A 19 21.19 25.50 50.85
C GLU A 19 19.93 24.64 50.70
N GLU A 20 19.90 23.82 49.66
CA GLU A 20 18.78 22.90 49.43
C GLU A 20 18.90 21.64 50.29
N VAL A 21 20.10 21.09 50.40
CA VAL A 21 20.34 19.89 51.20
C VAL A 21 19.93 20.13 52.64
N ARG A 22 20.26 21.30 53.16
CA ARG A 22 19.92 21.67 54.52
C ARG A 22 18.40 21.70 54.72
N LYS A 23 17.69 22.23 53.73
CA LYS A 23 16.23 22.26 53.76
C LYS A 23 15.68 20.84 53.83
N GLY A 24 16.43 19.90 53.29
CA GLY A 24 16.04 18.51 53.27
C GLY A 24 16.22 17.83 54.62
N ARG A 25 17.38 18.02 55.24
CA ARG A 25 17.65 17.41 56.54
C ARG A 25 16.70 17.91 57.62
N GLU A 26 16.33 19.19 57.54
CA GLU A 26 15.41 19.78 58.51
C GLU A 26 14.02 19.16 58.37
N ALA A 27 13.61 18.92 57.13
CA ALA A 27 12.33 18.25 56.87
C ALA A 27 12.39 16.80 57.30
N GLU A 28 13.51 16.14 57.02
CA GLU A 28 13.72 14.76 57.43
C GLU A 28 13.71 14.62 58.94
N GLU A 29 14.34 15.56 59.62
CA GLU A 29 14.44 15.51 61.07
C GLU A 29 13.06 15.68 61.69
N GLU A 30 12.26 16.58 61.12
CA GLU A 30 10.92 16.83 61.61
C GLU A 30 9.99 15.67 61.29
N LEU A 31 10.24 15.00 60.16
CA LEU A 31 9.40 13.87 59.74
C LEU A 31 9.61 12.69 60.67
N ARG A 32 10.86 12.44 61.06
CA ARG A 32 11.18 11.35 61.97
C ARG A 32 10.58 11.64 63.34
N ARG A 33 10.58 12.92 63.73
CA ARG A 33 10.01 13.35 64.99
C ARG A 33 8.52 13.01 65.09
N ARG A 34 7.77 13.32 64.04
CA ARG A 34 6.33 13.07 64.00
C ARG A 34 6.02 11.59 63.84
N LEU A 35 6.82 10.89 63.05
CA LEU A 35 6.60 9.47 62.81
C LEU A 35 6.92 8.63 64.04
N ASP A 36 7.97 9.01 64.77
CA ASP A 36 8.34 8.30 65.99
C ASP A 36 7.32 8.57 67.07
N GLU A 37 6.61 9.68 66.95
CA GLU A 37 5.59 10.04 67.94
C GLU A 37 4.34 9.19 67.80
N LEU A 38 4.11 8.65 66.60
CA LEU A 38 2.94 7.82 66.32
C LEU A 38 3.20 6.34 66.54
N GLY A 39 4.44 5.98 66.80
CA GLY A 39 4.81 4.60 67.08
C GLY A 39 4.45 3.67 65.92
N VAL A 40 4.74 4.12 64.71
CA VAL A 40 4.54 3.31 63.52
C VAL A 40 5.89 2.89 62.99
N GLU A 41 5.94 1.69 62.44
CA GLU A 41 7.16 1.15 61.86
C GLU A 41 7.32 1.65 60.44
N TYR A 42 8.37 2.43 60.19
CA TYR A 42 8.59 3.01 58.88
C TYR A 42 10.03 2.88 58.44
N VAL A 43 10.30 3.26 57.19
CA VAL A 43 11.64 3.23 56.63
C VAL A 43 11.74 4.27 55.52
N PHE A 44 12.82 5.04 55.55
CA PHE A 44 13.09 6.02 54.51
C PHE A 44 13.75 5.35 53.32
N VAL A 45 13.17 5.52 52.14
CA VAL A 45 13.71 4.95 50.92
C VAL A 45 13.82 6.03 49.84
N GLY A 46 14.20 5.60 48.63
CA GLY A 46 14.21 6.49 47.50
C GLY A 46 15.53 7.23 47.33
N SER A 47 15.50 8.26 46.50
CA SER A 47 16.70 8.99 46.13
C SER A 47 17.21 9.84 47.27
N TYR A 48 16.34 10.12 48.24
CA TYR A 48 16.76 10.98 49.34
C TYR A 48 17.53 10.18 50.40
N ALA A 49 17.08 8.95 50.65
CA ALA A 49 17.74 8.09 51.62
C ALA A 49 19.10 7.61 51.13
N ARG A 50 19.32 7.66 49.82
CA ARG A 50 20.60 7.24 49.23
C ARG A 50 21.44 8.43 48.81
N ASN A 51 20.88 9.63 48.97
CA ASN A 51 21.57 10.86 48.59
C ASN A 51 21.96 10.84 47.11
N THR A 52 20.99 10.54 46.26
CA THR A 52 21.19 10.54 44.82
C THR A 52 20.03 11.25 44.12
N TRP A 53 19.46 12.26 44.77
CA TRP A 53 18.39 13.03 44.17
C TRP A 53 18.98 14.20 43.40
N LEU A 54 18.30 14.61 42.34
CA LEU A 54 18.79 15.67 41.46
C LEU A 54 18.55 17.05 42.02
N LYS A 55 19.42 17.98 41.65
CA LYS A 55 19.27 19.37 42.06
C LYS A 55 17.94 19.92 41.56
N GLY A 56 17.17 20.52 42.47
CA GLY A 56 15.89 21.11 42.10
C GLY A 56 14.76 20.11 42.02
N SER A 57 15.02 18.87 42.43
CA SER A 57 14.00 17.82 42.46
C SER A 57 14.00 17.12 43.81
N LEU A 58 13.86 17.89 44.89
CA LEU A 58 13.87 17.32 46.24
C LEU A 58 12.52 16.72 46.60
N GLU A 59 12.54 15.44 46.95
CA GLU A 59 11.35 14.72 47.38
C GLU A 59 11.72 13.56 48.29
N ILE A 60 11.14 13.56 49.49
CA ILE A 60 11.42 12.53 50.48
C ILE A 60 10.36 11.43 50.43
N ASP A 61 10.80 10.20 50.20
CA ASP A 61 9.90 9.05 50.21
C ASP A 61 9.97 8.32 51.55
N VAL A 62 8.80 8.00 52.08
CA VAL A 62 8.69 7.27 53.34
C VAL A 62 7.70 6.12 53.20
N PHE A 63 8.17 4.90 53.39
CA PHE A 63 7.30 3.74 53.32
C PHE A 63 6.89 3.27 54.70
N LEU A 64 5.58 3.05 54.88
CA LEU A 64 5.05 2.55 56.13
C LEU A 64 4.92 1.04 56.07
N LEU A 65 5.39 0.38 57.10
CA LEU A 65 5.43 -1.07 57.13
C LEU A 65 4.33 -1.62 58.01
N PHE A 66 3.36 -2.28 57.39
CA PHE A 66 2.22 -2.84 58.10
C PHE A 66 2.24 -4.36 58.07
N PRO A 67 1.55 -5.00 59.04
CA PRO A 67 1.51 -6.47 59.11
C PRO A 67 1.01 -7.10 57.82
N GLU A 68 1.51 -8.30 57.53
CA GLU A 68 1.13 -9.04 56.32
C GLU A 68 -0.35 -9.41 56.36
N GLU A 69 -0.87 -9.60 57.56
CA GLU A 69 -2.23 -10.10 57.74
C GLU A 69 -3.28 -9.08 57.33
N PHE A 70 -2.89 -7.81 57.28
CA PHE A 70 -3.81 -6.73 56.92
C PHE A 70 -4.44 -6.85 55.55
N SER A 71 -5.71 -6.48 55.47
CA SER A 71 -6.45 -6.44 54.22
C SER A 71 -5.89 -5.31 53.36
N LYS A 72 -6.20 -5.33 52.07
CA LYS A 72 -5.82 -4.22 51.20
C LYS A 72 -6.56 -2.97 51.63
N GLU A 73 -7.72 -3.17 52.27
CA GLU A 73 -8.55 -2.06 52.72
C GLU A 73 -8.03 -1.48 54.03
N GLU A 74 -7.49 -2.34 54.87
CA GLU A 74 -6.93 -1.91 56.15
C GLU A 74 -5.61 -1.18 55.92
N LEU A 75 -4.83 -1.67 54.95
CA LEU A 75 -3.58 -1.04 54.54
C LEU A 75 -3.84 0.40 54.11
N ARG A 76 -4.83 0.57 53.25
CA ARG A 76 -5.20 1.89 52.74
C ARG A 76 -5.67 2.80 53.87
N GLU A 77 -6.69 2.36 54.61
CA GLU A 77 -7.31 3.17 55.63
C GLU A 77 -6.33 3.61 56.71
N ARG A 78 -5.33 2.77 56.97
CA ARG A 78 -4.31 3.09 57.98
C ARG A 78 -3.18 3.94 57.40
N GLY A 79 -2.81 3.66 56.15
CA GLY A 79 -1.77 4.41 55.47
C GLY A 79 -2.14 5.88 55.30
N LEU A 80 -3.35 6.12 54.82
CA LEU A 80 -3.84 7.48 54.61
C LEU A 80 -3.95 8.21 55.94
N GLU A 81 -4.30 7.49 56.99
CA GLU A 81 -4.45 8.08 58.32
C GLU A 81 -3.11 8.62 58.85
N ILE A 82 -2.07 7.80 58.73
CA ILE A 82 -0.74 8.21 59.19
C ILE A 82 -0.22 9.36 58.35
N GLY A 83 -0.39 9.26 57.03
CA GLY A 83 0.07 10.29 56.12
C GLY A 83 -0.45 11.67 56.46
N LYS A 84 -1.75 11.75 56.72
CA LYS A 84 -2.40 13.03 57.00
C LYS A 84 -1.95 13.61 58.35
N ALA A 85 -1.59 12.74 59.29
CA ALA A 85 -1.20 13.16 60.63
C ALA A 85 0.25 13.59 60.70
N VAL A 86 1.01 13.30 59.66
CA VAL A 86 2.45 13.53 59.65
C VAL A 86 2.81 14.72 58.76
N LEU A 87 2.00 14.95 57.73
CA LEU A 87 2.25 16.02 56.77
C LEU A 87 1.55 17.31 57.18
N ASP A 88 2.18 18.45 56.87
CA ASP A 88 1.60 19.76 57.17
C ASP A 88 0.36 20.00 56.31
N SER A 89 0.52 19.80 55.02
CA SER A 89 -0.61 19.80 54.08
C SER A 89 -0.49 18.56 53.23
N TYR A 90 -1.59 18.12 52.65
CA TYR A 90 -1.57 16.88 51.89
C TYR A 90 -2.55 16.87 50.72
N GLU A 91 -2.53 15.78 49.98
CA GLU A 91 -3.30 15.61 48.77
C GLU A 91 -3.35 14.12 48.48
N ILE A 92 -4.51 13.63 48.03
CA ILE A 92 -4.66 12.20 47.73
C ILE A 92 -5.23 12.03 46.34
N ARG A 93 -4.34 11.69 45.41
CA ARG A 93 -4.72 11.33 44.04
C ARG A 93 -3.78 10.21 43.60
N TYR A 94 -4.22 8.97 43.78
CA TYR A 94 -3.40 7.82 43.43
C TYR A 94 -4.07 7.01 42.32
N ALA A 95 -3.32 6.09 41.73
CA ALA A 95 -3.79 5.31 40.59
C ALA A 95 -4.26 3.93 41.01
N GLU A 96 -3.35 3.10 41.51
CA GLU A 96 -3.67 1.74 41.90
C GLU A 96 -3.37 1.52 43.37
N HIS A 97 -2.14 1.87 43.78
CA HIS A 97 -1.73 1.68 45.16
CA HIS A 97 -1.71 1.68 45.16
C HIS A 97 -1.94 2.98 45.94
N PRO A 98 -2.62 2.89 47.11
CA PRO A 98 -2.86 4.14 47.83
C PRO A 98 -1.58 4.76 48.38
N TYR A 99 -1.57 6.07 48.50
CA TYR A 99 -0.49 6.77 49.15
C TYR A 99 -0.89 8.21 49.37
N VAL A 100 -0.02 8.98 50.03
CA VAL A 100 -0.34 10.35 50.37
C VAL A 100 0.82 11.26 50.02
N HIS A 101 0.58 12.17 49.08
CA HIS A 101 1.55 13.19 48.73
C HIS A 101 1.30 14.44 49.54
N GLY A 102 2.35 15.09 49.98
CA GLY A 102 2.20 16.31 50.76
C GLY A 102 3.47 17.12 50.92
N VAL A 103 3.48 17.95 51.96
CA VAL A 103 4.58 18.87 52.22
C VAL A 103 4.94 18.87 53.70
N VAL A 104 6.23 18.98 54.00
CA VAL A 104 6.69 19.11 55.38
C VAL A 104 7.83 20.12 55.43
N LYS A 105 7.57 21.28 56.03
CA LYS A 105 8.55 22.36 56.12
C LYS A 105 9.06 22.76 54.73
N GLY A 106 8.17 22.68 53.75
CA GLY A 106 8.44 23.19 52.42
C GLY A 106 8.96 22.19 51.41
N VAL A 107 9.27 20.97 51.84
CA VAL A 107 9.78 19.96 50.93
C VAL A 107 8.67 18.94 50.69
N GLU A 108 8.64 18.37 49.49
CA GLU A 108 7.60 17.41 49.14
C GLU A 108 7.89 16.03 49.73
N VAL A 109 6.84 15.41 50.26
CA VAL A 109 6.95 14.10 50.91
C VAL A 109 5.91 13.14 50.34
N ASP A 110 6.32 11.89 50.15
CA ASP A 110 5.42 10.81 49.79
C ASP A 110 5.35 9.84 50.95
N VAL A 111 4.15 9.51 51.38
CA VAL A 111 3.94 8.51 52.42
C VAL A 111 3.23 7.31 51.84
N VAL A 112 3.95 6.22 51.67
CA VAL A 112 3.43 5.06 50.95
C VAL A 112 3.30 3.85 51.86
N PRO A 113 2.07 3.38 52.10
CA PRO A 113 1.91 2.17 52.91
C PRO A 113 2.23 0.90 52.14
N CYS A 114 3.03 0.00 52.73
CA CYS A 114 3.27 -1.30 52.13
C CYS A 114 3.27 -2.35 53.23
N TYR A 115 3.57 -3.59 52.88
CA TYR A 115 3.61 -4.70 53.84
C TYR A 115 5.03 -4.99 54.31
N LYS A 116 5.18 -5.23 55.61
CA LYS A 116 6.45 -5.69 56.16
C LYS A 116 6.66 -7.16 55.86
N LEU A 117 7.50 -7.45 54.88
CA LEU A 117 7.77 -8.81 54.46
C LEU A 117 9.16 -9.25 54.89
N LYS A 118 9.33 -10.56 55.01
CA LYS A 118 10.64 -11.18 55.13
C LYS A 118 10.84 -11.99 53.86
N GLU A 119 11.93 -11.73 53.15
CA GLU A 119 12.15 -12.20 51.78
C GLU A 119 11.10 -11.61 50.83
N PRO A 120 11.56 -10.97 49.74
CA PRO A 120 10.61 -10.31 48.84
C PRO A 120 10.19 -11.20 47.69
N LYS A 121 9.95 -12.48 47.97
CA LYS A 121 9.58 -13.41 46.93
C LYS A 121 8.12 -13.20 46.53
N ASN A 122 7.20 -13.73 47.34
CA ASN A 122 5.78 -13.59 47.02
C ASN A 122 5.19 -12.29 47.57
N ILE A 123 5.54 -11.19 46.90
CA ILE A 123 5.04 -9.86 47.23
C ILE A 123 3.51 -9.77 47.13
N LYS A 124 2.93 -8.91 47.96
CA LYS A 124 1.48 -8.76 48.03
C LYS A 124 1.03 -7.51 47.25
N SER A 125 1.65 -6.37 47.56
CA SER A 125 1.46 -5.14 46.80
C SER A 125 2.51 -5.04 45.71
N ALA A 126 2.44 -3.97 44.92
CA ALA A 126 3.42 -3.72 43.87
C ALA A 126 4.64 -3.02 44.44
N VAL A 127 4.42 -2.31 45.54
CA VAL A 127 5.46 -1.48 46.14
C VAL A 127 6.22 -2.19 47.27
N ASP A 128 6.04 -3.49 47.39
CA ASP A 128 6.64 -4.23 48.51
C ASP A 128 8.13 -4.49 48.32
N ARG A 129 8.63 -4.36 47.10
CA ARG A 129 10.04 -4.58 46.84
C ARG A 129 10.87 -3.36 47.18
N THR A 130 10.23 -2.21 47.36
CA THR A 130 10.95 -0.96 47.47
C THR A 130 11.83 -0.86 48.72
N PRO A 131 11.33 -1.31 49.88
CA PRO A 131 12.23 -1.33 51.04
C PRO A 131 13.42 -2.28 50.86
N PHE A 132 13.21 -3.35 50.09
CA PHE A 132 14.27 -4.31 49.80
C PHE A 132 15.27 -3.80 48.78
N HIS A 133 14.85 -2.84 47.96
CA HIS A 133 15.77 -2.20 47.02
C HIS A 133 16.79 -1.42 47.83
N HIS A 134 16.29 -0.72 48.85
CA HIS A 134 17.12 0.13 49.68
C HIS A 134 18.14 -0.68 50.47
N LYS A 135 17.75 -1.86 50.95
CA LYS A 135 18.68 -2.72 51.68
C LYS A 135 19.86 -3.16 50.81
N TRP A 136 19.56 -3.50 49.57
CA TRP A 136 20.56 -4.05 48.65
C TRP A 136 21.47 -2.97 48.13
N LEU A 137 20.91 -1.77 47.96
CA LEU A 137 21.60 -0.69 47.26
C LEU A 137 22.47 0.20 48.17
N GLU A 138 22.08 0.36 49.44
CA GLU A 138 22.77 1.31 50.31
C GLU A 138 24.25 0.99 50.50
N GLY A 139 24.59 -0.29 50.58
CA GLY A 139 25.95 -0.71 50.82
C GLY A 139 26.87 -0.58 49.63
N ARG A 140 26.29 -0.62 48.43
CA ARG A 140 27.04 -0.72 47.20
C ARG A 140 27.11 0.60 46.45
N ILE A 141 26.13 1.47 46.71
CA ILE A 141 26.05 2.74 46.00
C ILE A 141 26.89 3.81 46.69
N LYS A 142 27.41 3.51 47.87
CA LYS A 142 28.20 4.48 48.62
C LYS A 142 29.47 4.84 47.86
N GLY A 143 29.63 6.15 47.63
CA GLY A 143 30.78 6.67 46.90
C GLY A 143 30.42 7.10 45.50
N LYS A 144 29.46 6.40 44.89
CA LYS A 144 29.08 6.64 43.50
C LYS A 144 27.79 7.45 43.34
N GLU A 145 27.41 8.21 44.37
CA GLU A 145 26.15 8.94 44.33
C GLU A 145 26.13 10.04 43.26
N ASN A 146 27.27 10.67 43.00
CA ASN A 146 27.33 11.71 41.98
C ASN A 146 27.36 11.12 40.57
N GLU A 147 27.84 9.89 40.45
CA GLU A 147 27.84 9.20 39.17
C GLU A 147 26.40 8.85 38.78
N VAL A 148 25.54 8.75 39.78
CA VAL A 148 24.10 8.51 39.56
C VAL A 148 23.42 9.81 39.14
N ARG A 149 23.77 10.90 39.82
CA ARG A 149 23.21 12.21 39.50
C ARG A 149 23.58 12.67 38.11
N LEU A 150 24.68 12.17 37.56
CA LEU A 150 25.07 12.49 36.19
C LEU A 150 24.18 11.77 35.20
N LEU A 151 23.93 10.49 35.47
CA LEU A 151 23.10 9.67 34.61
C LEU A 151 21.66 10.14 34.65
N LYS A 152 21.20 10.56 35.82
CA LYS A 152 19.85 11.06 35.98
C LYS A 152 19.67 12.38 35.26
N GLY A 153 20.63 13.29 35.43
CA GLY A 153 20.57 14.59 34.81
C GLY A 153 20.67 14.52 33.30
N PHE A 154 21.49 13.58 32.84
CA PHE A 154 21.67 13.32 31.41
C PHE A 154 20.34 12.89 30.80
N LEU A 155 19.66 11.96 31.47
CA LEU A 155 18.38 11.44 30.98
C LEU A 155 17.29 12.50 31.10
N LYS A 156 17.31 13.24 32.19
CA LYS A 156 16.32 14.29 32.44
C LYS A 156 16.39 15.42 31.41
N ALA A 157 17.61 15.72 30.98
CA ALA A 157 17.85 16.81 30.05
C ALA A 157 17.31 16.51 28.66
N ASN A 158 17.17 15.22 28.35
CA ASN A 158 16.68 14.79 27.05
C ASN A 158 15.32 14.09 27.18
N GLY A 159 14.64 14.36 28.30
CA GLY A 159 13.27 13.93 28.50
C GLY A 159 12.97 12.43 28.46
N ILE A 160 13.87 11.60 28.97
CA ILE A 160 13.61 10.17 29.05
C ILE A 160 13.95 9.63 30.44
N TYR A 161 13.84 10.49 31.44
CA TYR A 161 13.97 10.10 32.83
C TYR A 161 12.57 9.98 33.44
N GLY A 162 12.21 8.79 33.89
CA GLY A 162 10.92 8.53 34.51
C GLY A 162 10.34 7.25 33.94
N ALA A 163 9.84 6.38 34.80
CA ALA A 163 9.19 5.15 34.35
C ALA A 163 7.69 5.31 34.21
N GLU A 164 7.18 6.48 34.61
CA GLU A 164 5.77 6.78 34.52
C GLU A 164 5.29 6.64 33.08
N TYR A 165 3.97 6.56 32.88
CA TYR A 165 3.44 6.36 31.54
C TYR A 165 3.45 7.63 30.70
N LYS A 166 3.74 8.76 31.33
CA LYS A 166 3.87 10.02 30.60
C LYS A 166 5.21 10.07 29.87
N VAL A 167 6.17 9.27 30.35
CA VAL A 167 7.55 9.32 29.86
C VAL A 167 8.02 8.01 29.25
N ARG A 168 7.75 6.90 29.93
CA ARG A 168 8.23 5.58 29.51
C ARG A 168 9.75 5.57 29.38
N GLY A 169 10.43 6.06 30.42
CA GLY A 169 11.88 6.17 30.41
C GLY A 169 12.54 5.34 31.49
N PHE A 170 13.69 5.82 31.97
CA PHE A 170 14.47 5.11 32.98
C PHE A 170 14.05 5.52 34.39
N SER A 171 13.60 4.55 35.18
CA SER A 171 13.28 4.85 36.58
C SER A 171 14.55 5.24 37.31
N GLY A 172 14.39 5.95 38.41
CA GLY A 172 15.53 6.37 39.22
C GLY A 172 16.31 5.19 39.78
N TYR A 173 15.59 4.10 40.07
CA TYR A 173 16.21 2.91 40.61
C TYR A 173 17.03 2.17 39.54
N LEU A 174 16.56 2.24 38.30
CA LEU A 174 17.28 1.65 37.19
C LEU A 174 18.63 2.33 36.94
N CYS A 175 18.66 3.65 37.14
CA CYS A 175 19.87 4.42 36.97
C CYS A 175 20.92 4.02 38.00
N GLU A 176 20.49 3.78 39.23
CA GLU A 176 21.41 3.39 40.30
C GLU A 176 21.99 2.00 40.05
N LEU A 177 21.15 1.10 39.55
CA LEU A 177 21.59 -0.26 39.22
C LEU A 177 22.60 -0.25 38.08
N LEU A 178 22.49 0.71 37.18
CA LEU A 178 23.42 0.81 36.06
C LEU A 178 24.80 1.27 36.54
N ILE A 179 24.81 2.24 37.46
CA ILE A 179 26.07 2.73 38.01
C ILE A 179 26.76 1.66 38.85
N VAL A 180 25.98 0.86 39.58
CA VAL A 180 26.55 -0.23 40.35
C VAL A 180 27.14 -1.25 39.39
N PHE A 181 26.56 -1.36 38.20
CA PHE A 181 26.99 -2.34 37.23
C PHE A 181 28.24 -1.91 36.45
N TYR A 182 28.29 -0.65 36.05
CA TYR A 182 29.38 -0.15 35.20
C TYR A 182 30.39 0.69 35.99
N GLY A 183 29.97 1.16 37.17
CA GLY A 183 30.88 1.86 38.06
C GLY A 183 30.85 3.36 37.95
N SER A 184 30.56 3.88 36.76
CA SER A 184 30.53 5.32 36.55
C SER A 184 29.58 5.72 35.43
N PHE A 185 29.30 7.01 35.35
CA PHE A 185 28.46 7.54 34.28
C PHE A 185 29.15 7.31 32.94
N LEU A 186 30.44 7.63 32.87
CA LEU A 186 31.20 7.50 31.64
C LEU A 186 31.23 6.06 31.14
N GLU A 187 31.34 5.11 32.06
CA GLU A 187 31.35 3.69 31.69
C GLU A 187 29.98 3.17 31.27
N THR A 188 28.92 3.80 31.76
CA THR A 188 27.58 3.41 31.36
C THR A 188 27.31 3.89 29.94
N VAL A 189 27.72 5.11 29.65
CA VAL A 189 27.56 5.69 28.32
C VAL A 189 28.35 4.90 27.28
N LYS A 190 29.61 4.58 27.60
CA LYS A 190 30.46 3.82 26.68
C LYS A 190 29.83 2.50 26.28
N ASN A 191 29.43 1.71 27.27
CA ASN A 191 28.87 0.39 26.99
C ASN A 191 27.45 0.45 26.46
N ALA A 192 26.74 1.53 26.74
CA ALA A 192 25.34 1.67 26.30
C ALA A 192 25.27 1.72 24.78
N ARG A 193 26.33 2.22 24.16
CA ARG A 193 26.37 2.36 22.71
C ARG A 193 26.18 1.03 21.99
N ARG A 194 26.47 -0.07 22.68
CA ARG A 194 26.37 -1.40 22.06
C ARG A 194 25.21 -2.23 22.58
N TRP A 195 24.29 -1.60 23.31
CA TRP A 195 23.05 -2.26 23.72
C TRP A 195 22.21 -2.58 22.49
N THR A 196 21.27 -3.51 22.64
CA THR A 196 20.32 -3.83 21.60
C THR A 196 18.98 -4.05 22.27
N ARG A 197 17.96 -4.40 21.49
CA ARG A 197 16.63 -4.60 22.04
C ARG A 197 16.50 -5.96 22.72
N ARG A 198 17.57 -6.75 22.68
CA ARG A 198 17.57 -8.08 23.26
C ARG A 198 18.62 -8.20 24.37
N THR A 199 19.13 -7.06 24.81
CA THR A 199 20.12 -7.01 25.88
C THR A 199 19.52 -7.30 27.25
N VAL A 200 20.17 -8.19 27.99
CA VAL A 200 19.78 -8.50 29.37
C VAL A 200 20.93 -8.19 30.31
N ILE A 201 20.69 -7.26 31.24
CA ILE A 201 21.70 -6.89 32.24
C ILE A 201 21.30 -7.45 33.60
N ASP A 202 22.00 -8.49 34.04
CA ASP A 202 21.76 -9.08 35.35
C ASP A 202 22.76 -8.54 36.36
N VAL A 203 22.30 -7.63 37.20
CA VAL A 203 23.19 -6.95 38.13
C VAL A 203 23.69 -7.92 39.19
N ALA A 204 22.79 -8.79 39.64
CA ALA A 204 23.08 -9.73 40.72
C ALA A 204 24.17 -10.74 40.33
N LYS A 205 24.23 -11.09 39.05
CA LYS A 205 25.18 -12.08 38.56
C LYS A 205 26.42 -11.46 37.89
N GLY A 206 26.42 -10.14 37.77
CA GLY A 206 27.50 -9.44 37.11
C GLY A 206 27.69 -9.94 35.69
N GLU A 207 26.57 -10.11 34.99
CA GLU A 207 26.56 -10.72 33.67
C GLU A 207 25.68 -9.99 32.67
N VAL A 208 26.12 -9.93 31.41
CA VAL A 208 25.31 -9.40 30.33
C VAL A 208 25.06 -10.53 29.33
N ARG A 209 23.79 -10.76 29.00
CA ARG A 209 23.43 -11.83 28.07
C ARG A 209 22.33 -11.38 27.11
N LYS A 210 21.94 -12.26 26.22
CA LYS A 210 20.91 -11.95 25.23
C LYS A 210 19.59 -12.55 25.69
N GLY A 211 18.49 -11.89 25.35
CA GLY A 211 17.17 -12.35 25.76
C GLY A 211 16.09 -12.04 24.75
N GLU A 212 14.84 -12.07 25.20
CA GLU A 212 13.70 -11.83 24.33
C GLU A 212 13.43 -10.33 24.20
N GLU A 213 13.85 -9.58 25.21
CA GLU A 213 13.58 -8.14 25.25
C GLU A 213 14.62 -7.46 26.13
N PHE A 214 14.67 -6.13 26.10
CA PHE A 214 15.55 -5.40 26.99
C PHE A 214 15.08 -5.66 28.42
N PHE A 215 15.99 -6.18 29.24
CA PHE A 215 15.63 -6.72 30.54
C PHE A 215 16.75 -6.47 31.54
N VAL A 216 16.50 -5.59 32.49
CA VAL A 216 17.41 -5.37 33.61
C VAL A 216 16.88 -6.10 34.83
N VAL A 217 17.54 -7.19 35.20
CA VAL A 217 17.06 -8.04 36.27
C VAL A 217 17.22 -7.38 37.63
N ASP A 218 16.15 -7.41 38.42
CA ASP A 218 16.16 -6.82 39.75
C ASP A 218 16.98 -7.73 40.68
N PRO A 219 17.97 -7.16 41.39
CA PRO A 219 18.73 -7.95 42.36
C PRO A 219 17.86 -8.60 43.42
N VAL A 220 16.68 -8.02 43.65
CA VAL A 220 15.77 -8.43 44.71
C VAL A 220 14.80 -9.53 44.28
N ASP A 221 14.38 -9.49 43.03
CA ASP A 221 13.46 -10.48 42.47
C ASP A 221 13.85 -10.70 41.01
N GLU A 222 14.44 -11.86 40.72
CA GLU A 222 15.01 -12.11 39.39
C GLU A 222 13.96 -12.18 38.27
N LYS A 223 12.69 -12.32 38.65
CA LYS A 223 11.61 -12.40 37.67
C LYS A 223 11.19 -11.02 37.20
N ARG A 224 11.55 -9.99 37.97
CA ARG A 224 11.09 -8.63 37.73
C ARG A 224 12.07 -7.84 36.87
N ASN A 225 11.51 -7.17 35.86
CA ASN A 225 12.26 -6.29 34.96
C ASN A 225 12.20 -4.87 35.48
N VAL A 226 13.36 -4.31 35.83
CA VAL A 226 13.41 -2.96 36.38
C VAL A 226 13.09 -1.94 35.28
N ALA A 227 13.44 -2.30 34.05
CA ALA A 227 13.23 -1.45 32.88
C ALA A 227 12.01 -1.88 32.07
N ALA A 228 11.00 -2.40 32.77
CA ALA A 228 9.82 -2.96 32.10
C ALA A 228 9.05 -1.91 31.31
N ASN A 229 8.94 -0.71 31.88
CA ASN A 229 8.15 0.36 31.27
C ASN A 229 9.01 1.33 30.47
N LEU A 230 10.20 0.88 30.07
CA LEU A 230 11.04 1.65 29.14
C LEU A 230 10.70 1.26 27.71
N SER A 231 10.12 2.19 26.96
CA SER A 231 9.73 1.93 25.59
C SER A 231 10.95 1.65 24.71
N LEU A 232 10.73 0.93 23.61
CA LEU A 232 11.81 0.60 22.69
C LEU A 232 12.41 1.86 22.07
N ASP A 233 11.57 2.86 21.82
CA ASP A 233 12.03 4.10 21.22
C ASP A 233 12.93 4.90 22.16
N ASN A 234 12.51 5.06 23.40
CA ASN A 234 13.31 5.78 24.39
C ASN A 234 14.59 5.00 24.70
N LEU A 235 14.57 3.68 24.53
CA LEU A 235 15.78 2.89 24.62
C LEU A 235 16.72 3.31 23.50
N ALA A 236 16.17 3.40 22.29
CA ALA A 236 16.93 3.81 21.11
C ALA A 236 17.44 5.25 21.23
N ARG A 237 16.59 6.14 21.73
CA ARG A 237 16.98 7.53 21.90
C ARG A 237 18.18 7.65 22.83
N PHE A 238 18.22 6.80 23.85
CA PHE A 238 19.32 6.80 24.80
C PHE A 238 20.61 6.31 24.16
N VAL A 239 20.56 5.13 23.53
CA VAL A 239 21.71 4.56 22.85
C VAL A 239 22.28 5.53 21.83
N HIS A 240 21.39 6.21 21.11
CA HIS A 240 21.79 7.18 20.12
C HIS A 240 22.55 8.34 20.76
N LEU A 241 22.01 8.85 21.86
CA LEU A 241 22.62 9.98 22.55
C LEU A 241 24.00 9.64 23.08
N CYS A 242 24.19 8.40 23.52
CA CYS A 242 25.47 7.95 24.04
C CYS A 242 26.53 7.91 22.93
N ARG A 243 26.13 7.46 21.75
CA ARG A 243 27.02 7.43 20.61
C ARG A 243 27.39 8.83 20.18
N GLU A 244 26.41 9.72 20.19
CA GLU A 244 26.66 11.13 19.88
C GLU A 244 27.57 11.80 20.90
N PHE A 245 27.39 11.44 22.17
CA PHE A 245 28.14 12.08 23.24
C PHE A 245 29.62 11.71 23.18
N MET A 246 29.91 10.43 23.01
CA MET A 246 31.28 9.96 22.93
C MET A 246 31.97 10.50 21.67
N GLU A 247 31.18 10.68 20.61
CA GLU A 247 31.66 11.23 19.36
C GLU A 247 32.10 12.67 19.53
N ALA A 248 31.33 13.44 20.29
CA ALA A 248 31.61 14.86 20.49
C ALA A 248 30.95 15.36 21.78
N PRO A 249 31.62 15.15 22.92
CA PRO A 249 31.10 15.56 24.23
C PRO A 249 30.80 17.05 24.32
N SER A 250 29.67 17.37 24.93
CA SER A 250 29.25 18.75 25.11
C SER A 250 28.48 18.85 26.42
N LEU A 251 28.41 20.07 26.96
CA LEU A 251 27.65 20.30 28.18
C LEU A 251 26.16 20.41 27.85
N GLY A 252 25.86 20.67 26.58
CA GLY A 252 24.47 20.88 26.16
C GLY A 252 23.61 19.65 26.32
N PHE A 253 24.25 18.49 26.41
CA PHE A 253 23.56 17.22 26.63
C PHE A 253 22.87 17.18 27.99
N PHE A 254 23.31 18.06 28.90
CA PHE A 254 22.78 18.11 30.25
C PHE A 254 21.88 19.33 30.44
N LYS A 255 21.72 20.12 29.39
CA LYS A 255 20.87 21.31 29.45
C LYS A 255 19.46 21.00 28.98
N PRO A 256 18.45 21.23 29.85
CA PRO A 256 17.06 21.03 29.43
C PRO A 256 16.63 21.89 28.26
N LYS A 257 16.16 21.25 27.20
CA LYS A 257 15.72 21.96 26.00
C LYS A 257 14.25 22.30 26.13
N HIS A 258 13.91 23.59 26.15
CA HIS A 258 12.52 24.03 26.17
C HIS A 258 12.09 24.45 24.77
N PRO A 259 10.78 24.42 24.48
CA PRO A 259 10.28 24.81 23.15
C PRO A 259 10.34 26.31 22.89
N LEU A 260 10.17 26.67 21.61
CA LEU A 260 10.14 28.07 21.18
C LEU A 260 8.75 28.43 20.68
N GLU A 261 8.33 29.67 20.90
CA GLU A 261 7.10 30.16 20.32
C GLU A 261 7.28 30.25 18.80
N ILE A 262 6.53 29.44 18.08
CA ILE A 262 6.56 29.46 16.62
C ILE A 262 5.36 30.24 16.13
N GLU A 263 5.61 31.28 15.35
CA GLU A 263 4.52 32.10 14.83
C GLU A 263 3.55 31.26 14.01
N PRO A 264 2.24 31.51 14.14
CA PRO A 264 1.25 30.73 13.38
C PRO A 264 1.38 30.92 11.87
N GLU A 265 2.13 31.94 11.45
CA GLU A 265 2.35 32.17 10.03
C GLU A 265 3.44 31.26 9.50
N ARG A 266 4.55 31.16 10.24
CA ARG A 266 5.64 30.28 9.83
C ARG A 266 5.12 28.84 9.83
N LEU A 267 4.26 28.54 10.79
CA LEU A 267 3.69 27.21 10.91
C LEU A 267 2.74 26.91 9.74
N ARG A 268 2.02 27.92 9.29
CA ARG A 268 1.14 27.78 8.13
C ARG A 268 1.94 27.52 6.86
N LYS A 269 3.12 28.14 6.77
CA LYS A 269 4.00 27.96 5.62
C LYS A 269 4.68 26.59 5.61
N ILE A 270 4.99 26.06 6.79
CA ILE A 270 5.61 24.75 6.87
C ILE A 270 4.65 23.69 6.38
N VAL A 271 3.40 23.77 6.82
CA VAL A 271 2.41 22.77 6.44
C VAL A 271 2.07 22.91 4.95
N GLU A 272 2.09 24.15 4.46
CA GLU A 272 1.82 24.44 3.05
C GLU A 272 2.89 23.79 2.17
N GLU A 273 4.14 23.98 2.56
CA GLU A 273 5.28 23.43 1.83
C GLU A 273 5.31 21.91 1.90
N ARG A 274 4.69 21.35 2.94
CA ARG A 274 4.60 19.89 3.09
C ARG A 274 3.45 19.36 2.26
N GLY A 275 2.42 20.17 2.12
CA GLY A 275 1.24 19.80 1.36
C GLY A 275 0.48 18.66 1.99
N THR A 276 0.57 18.56 3.32
CA THR A 276 -0.09 17.50 4.07
C THR A 276 -1.38 17.99 4.72
N ALA A 277 -2.23 17.05 5.14
CA ALA A 277 -3.42 17.36 5.92
C ALA A 277 -3.08 17.26 7.40
N VAL A 278 -3.07 18.41 8.08
CA VAL A 278 -2.77 18.47 9.51
C VAL A 278 -4.01 18.89 10.30
N PHE A 279 -4.58 17.96 11.06
CA PHE A 279 -5.75 18.23 11.86
C PHE A 279 -5.64 17.59 13.25
N ALA A 280 -6.56 17.95 14.15
CA ALA A 280 -6.53 17.45 15.51
C ALA A 280 -7.93 17.23 16.07
N VAL A 281 -8.06 16.22 16.94
CA VAL A 281 -9.30 15.96 17.66
C VAL A 281 -9.24 16.59 19.04
N LYS A 282 -10.22 17.43 19.36
CA LYS A 282 -10.24 18.17 20.62
C LYS A 282 -11.43 17.74 21.48
N PHE A 283 -11.16 17.40 22.73
CA PHE A 283 -12.22 17.00 23.65
C PHE A 283 -11.84 17.37 25.09
N ARG A 284 -12.79 17.26 26.01
CA ARG A 284 -12.53 17.59 27.41
C ARG A 284 -11.59 16.57 28.05
N LYS A 285 -10.63 17.04 28.83
CA LYS A 285 -9.73 16.14 29.54
C LYS A 285 -10.52 15.41 30.63
N PRO A 286 -10.52 14.07 30.59
CA PRO A 286 -11.18 13.37 31.71
C PRO A 286 -10.45 13.64 33.02
N ASP A 287 -11.18 13.89 34.10
CA ASP A 287 -10.55 14.14 35.39
C ASP A 287 -9.96 12.86 35.99
N ILE A 288 -8.80 12.46 35.50
CA ILE A 288 -8.12 11.25 35.99
C ILE A 288 -6.62 11.49 36.13
N VAL A 289 -5.95 10.60 36.86
CA VAL A 289 -4.51 10.73 37.07
C VAL A 289 -3.75 10.42 35.77
N ASP A 290 -2.56 10.99 35.64
CA ASP A 290 -1.79 10.87 34.41
C ASP A 290 -1.52 9.42 33.99
N ASP A 291 -1.26 8.52 34.94
CA ASP A 291 -0.95 7.13 34.59
C ASP A 291 -2.17 6.38 34.04
N ASN A 292 -3.35 6.99 34.12
CA ASN A 292 -4.54 6.42 33.50
C ASN A 292 -4.85 7.13 32.19
N LEU A 293 -4.54 8.41 32.13
CA LEU A 293 -4.86 9.22 30.98
C LEU A 293 -4.00 8.89 29.77
N TYR A 294 -2.68 8.89 29.98
CA TYR A 294 -1.75 8.81 28.86
C TYR A 294 -1.77 7.47 28.12
N PRO A 295 -1.90 6.34 28.84
CA PRO A 295 -2.09 5.10 28.10
C PRO A 295 -3.34 5.10 27.22
N GLN A 296 -4.35 5.88 27.62
CA GLN A 296 -5.59 5.97 26.86
C GLN A 296 -5.46 6.95 25.69
N LEU A 297 -4.76 8.05 25.91
CA LEU A 297 -4.44 8.97 24.83
C LEU A 297 -3.58 8.25 23.80
N GLU A 298 -2.68 7.40 24.28
CA GLU A 298 -1.86 6.59 23.40
C GLU A 298 -2.72 5.63 22.58
N ARG A 299 -3.76 5.09 23.21
CA ARG A 299 -4.64 4.15 22.53
C ARG A 299 -5.55 4.85 21.53
N ALA A 300 -6.17 5.94 21.97
CA ALA A 300 -7.10 6.68 21.14
C ALA A 300 -6.40 7.13 19.88
N SER A 301 -5.20 7.66 20.05
CA SER A 301 -4.41 8.17 18.95
C SER A 301 -4.05 7.07 17.96
N ARG A 302 -3.70 5.91 18.49
CA ARG A 302 -3.33 4.76 17.66
C ARG A 302 -4.53 4.21 16.89
N LYS A 303 -5.67 4.07 17.57
CA LYS A 303 -6.85 3.50 16.95
C LYS A 303 -7.32 4.31 15.75
N ILE A 304 -7.21 5.63 15.86
CA ILE A 304 -7.59 6.54 14.78
C ILE A 304 -6.54 6.50 13.67
N PHE A 305 -5.27 6.38 14.08
CA PHE A 305 -4.17 6.30 13.12
C PHE A 305 -4.30 5.06 12.24
N GLU A 306 -4.60 3.92 12.86
CA GLU A 306 -4.80 2.68 12.15
C GLU A 306 -6.00 2.76 11.21
N PHE A 307 -7.01 3.52 11.62
CA PHE A 307 -8.20 3.75 10.80
C PHE A 307 -7.86 4.49 9.50
N LEU A 308 -7.05 5.54 9.64
CA LEU A 308 -6.61 6.33 8.50
C LEU A 308 -5.76 5.51 7.54
N GLU A 309 -4.95 4.59 8.06
CA GLU A 309 -4.12 3.73 7.22
C GLU A 309 -4.98 2.90 6.28
N ARG A 310 -5.89 2.11 6.85
CA ARG A 310 -6.66 1.16 6.08
C ARG A 310 -7.72 1.86 5.22
N GLU A 311 -7.90 3.15 5.45
CA GLU A 311 -8.80 3.95 4.62
C GLU A 311 -8.02 4.69 3.52
N ASN A 312 -6.72 4.42 3.47
CA ASN A 312 -5.82 4.91 2.41
C ASN A 312 -5.61 6.42 2.41
N PHE A 313 -5.63 7.04 3.59
CA PHE A 313 -5.27 8.45 3.70
C PHE A 313 -3.77 8.60 3.99
N MET A 314 -3.06 7.48 4.04
CA MET A 314 -1.60 7.45 4.16
C MET A 314 -1.08 8.42 5.22
N PRO A 315 -1.29 8.08 6.50
CA PRO A 315 -0.86 8.96 7.60
C PRO A 315 0.65 8.88 7.81
N LEU A 316 1.23 9.96 8.32
CA LEU A 316 2.66 10.01 8.58
C LEU A 316 2.97 9.70 10.04
N ARG A 317 2.64 10.64 10.93
CA ARG A 317 2.83 10.45 12.36
C ARG A 317 1.61 10.95 13.12
N SER A 318 1.52 10.55 14.38
CA SER A 318 0.47 11.03 15.28
C SER A 318 1.10 11.62 16.54
N ALA A 319 0.28 12.30 17.33
CA ALA A 319 0.76 12.93 18.55
C ALA A 319 -0.42 13.34 19.42
N PHE A 320 -0.16 13.70 20.67
CA PHE A 320 -1.22 14.16 21.55
C PHE A 320 -0.71 15.17 22.58
N LYS A 321 -1.64 15.95 23.13
CA LYS A 321 -1.31 16.99 24.09
C LYS A 321 -2.43 17.09 25.12
N ALA A 322 -2.06 17.24 26.39
CA ALA A 322 -3.05 17.41 27.46
C ALA A 322 -2.83 18.72 28.21
N SER A 323 -3.66 19.71 27.91
CA SER A 323 -3.65 20.96 28.65
C SER A 323 -4.46 20.77 29.92
N GLU A 324 -4.78 21.88 30.59
CA GLU A 324 -5.50 21.82 31.85
C GLU A 324 -6.96 21.42 31.65
N GLU A 325 -7.56 21.89 30.55
CA GLU A 325 -8.99 21.69 30.32
C GLU A 325 -9.30 20.69 29.20
N PHE A 326 -8.43 20.64 28.18
CA PHE A 326 -8.66 19.84 26.96
C PHE A 326 -7.56 18.84 26.61
N CYS A 327 -7.92 17.83 25.81
CA CYS A 327 -6.95 16.92 25.21
C CYS A 327 -6.99 17.03 23.69
N TYR A 328 -5.82 16.90 23.06
CA TYR A 328 -5.71 17.00 21.60
C TYR A 328 -5.07 15.75 21.01
N LEU A 329 -5.67 15.20 19.96
CA LEU A 329 -5.08 14.13 19.18
C LEU A 329 -4.73 14.63 17.78
N LEU A 330 -3.44 14.81 17.51
CA LEU A 330 -3.00 15.39 16.24
C LEU A 330 -2.57 14.34 15.23
N PHE A 331 -2.82 14.62 13.96
CA PHE A 331 -2.51 13.70 12.86
C PHE A 331 -2.00 14.44 11.65
N GLU A 332 -1.17 13.76 10.87
CA GLU A 332 -0.68 14.30 9.60
C GLU A 332 -0.81 13.23 8.53
N CYS A 333 -1.48 13.59 7.43
CA CYS A 333 -1.77 12.64 6.35
C CYS A 333 -1.22 13.15 5.02
N GLN A 334 -0.81 12.23 4.15
CA GLN A 334 -0.32 12.61 2.84
C GLN A 334 -1.45 12.90 1.86
N ILE A 335 -2.61 12.28 2.09
CA ILE A 335 -3.78 12.49 1.22
C ILE A 335 -4.79 13.44 1.85
N LYS A 336 -4.94 14.63 1.26
CA LYS A 336 -5.94 15.58 1.70
C LYS A 336 -7.32 15.15 1.21
N GLU A 337 -7.34 14.52 0.04
CA GLU A 337 -8.59 14.12 -0.60
C GLU A 337 -8.36 12.92 -1.50
N ILE A 338 -9.29 11.97 -1.44
CA ILE A 338 -9.23 10.79 -2.29
C ILE A 338 -10.51 10.71 -3.12
N SER A 339 -10.49 9.92 -4.19
CA SER A 339 -11.65 9.81 -5.06
C SER A 339 -12.82 9.17 -4.32
N ARG A 340 -14.02 9.41 -4.83
CA ARG A 340 -15.21 8.79 -4.28
C ARG A 340 -15.25 7.32 -4.68
N VAL A 341 -14.78 7.04 -5.89
CA VAL A 341 -14.76 5.66 -6.39
C VAL A 341 -13.49 4.91 -5.98
N PHE A 342 -13.65 3.62 -5.76
CA PHE A 342 -12.53 2.71 -5.58
C PHE A 342 -12.97 1.38 -6.18
N ARG A 343 -12.05 0.44 -6.35
CA ARG A 343 -12.37 -0.85 -6.96
C ARG A 343 -12.38 -2.00 -5.95
N ARG A 344 -13.50 -2.72 -5.90
CA ARG A 344 -13.67 -3.86 -5.01
C ARG A 344 -13.55 -5.19 -5.76
N MET A 345 -12.86 -6.14 -5.16
CA MET A 345 -12.58 -7.42 -5.81
C MET A 345 -13.80 -8.33 -5.80
N GLY A 346 -14.09 -8.91 -6.97
CA GLY A 346 -15.15 -9.88 -7.11
C GLY A 346 -14.61 -11.29 -7.28
N PRO A 347 -15.49 -12.25 -7.57
CA PRO A 347 -15.10 -13.65 -7.72
C PRO A 347 -14.49 -13.97 -9.10
N GLN A 348 -13.86 -15.14 -9.19
CA GLN A 348 -13.29 -15.59 -10.45
C GLN A 348 -14.42 -15.96 -11.40
N PHE A 349 -14.14 -15.95 -12.70
CA PHE A 349 -15.19 -16.06 -13.70
C PHE A 349 -15.83 -17.46 -13.73
N GLU A 350 -15.17 -18.45 -13.12
CA GLU A 350 -15.69 -19.83 -13.18
C GLU A 350 -16.98 -20.05 -12.37
N ASP A 351 -16.91 -19.94 -11.04
CA ASP A 351 -18.07 -20.28 -10.20
C ASP A 351 -19.17 -19.21 -10.26
N GLU A 352 -20.17 -19.46 -11.10
CA GLU A 352 -21.21 -18.48 -11.38
C GLU A 352 -22.15 -18.24 -10.20
N ARG A 353 -22.16 -19.17 -9.26
CA ARG A 353 -22.99 -19.01 -8.07
C ARG A 353 -22.53 -17.77 -7.32
N ASN A 354 -21.21 -17.60 -7.25
CA ASN A 354 -20.62 -16.44 -6.59
C ASN A 354 -20.63 -15.21 -7.48
N VAL A 355 -20.43 -15.40 -8.78
CA VAL A 355 -20.42 -14.29 -9.72
C VAL A 355 -21.78 -13.61 -9.81
N LYS A 356 -22.82 -14.42 -9.97
CA LYS A 356 -24.16 -13.87 -10.17
C LYS A 356 -24.58 -13.03 -8.98
N LYS A 357 -24.15 -13.45 -7.78
CA LYS A 357 -24.39 -12.68 -6.58
C LYS A 357 -23.65 -11.34 -6.64
N PHE A 358 -22.39 -11.37 -7.07
CA PHE A 358 -21.54 -10.17 -7.18
C PHE A 358 -22.12 -9.16 -8.18
N LEU A 359 -22.68 -9.68 -9.27
CA LEU A 359 -23.20 -8.83 -10.33
C LEU A 359 -24.63 -8.39 -10.06
N SER A 360 -25.32 -9.12 -9.18
CA SER A 360 -26.71 -8.81 -8.87
C SER A 360 -26.82 -7.51 -8.08
N ARG A 361 -25.78 -7.20 -7.32
CA ARG A 361 -25.78 -5.98 -6.52
C ARG A 361 -25.82 -4.78 -7.46
N ASN A 362 -26.79 -3.90 -7.26
CA ASN A 362 -26.91 -2.70 -8.09
C ASN A 362 -25.77 -1.75 -7.84
N ARG A 363 -25.14 -1.29 -8.92
CA ARG A 363 -24.06 -0.32 -8.83
C ARG A 363 -24.25 0.75 -9.90
N ALA A 364 -23.52 1.85 -9.76
CA ALA A 364 -23.70 3.00 -10.64
C ALA A 364 -22.83 2.98 -11.90
N PHE A 365 -21.71 2.25 -11.85
CA PHE A 365 -20.74 2.27 -12.95
C PHE A 365 -20.39 0.94 -13.60
N ARG A 366 -21.19 -0.10 -13.40
CA ARG A 366 -20.98 -1.37 -14.14
C ARG A 366 -19.68 -2.10 -13.78
N PRO A 367 -19.74 -3.44 -13.60
CA PRO A 367 -18.51 -4.19 -13.30
C PRO A 367 -17.69 -4.56 -14.54
N PHE A 368 -16.54 -5.19 -14.33
CA PHE A 368 -15.62 -5.52 -15.42
C PHE A 368 -14.74 -6.71 -15.07
N ILE A 369 -14.19 -7.34 -16.10
CA ILE A 369 -13.29 -8.48 -15.95
C ILE A 369 -11.83 -8.05 -16.04
N GLU A 370 -11.00 -8.64 -15.18
CA GLU A 370 -9.57 -8.35 -15.16
C GLU A 370 -8.76 -9.53 -14.60
N ASN A 371 -7.78 -9.99 -15.38
CA ASN A 371 -6.92 -11.10 -15.00
C ASN A 371 -7.67 -12.33 -14.49
N GLY A 372 -8.84 -12.59 -15.09
CA GLY A 372 -9.57 -13.82 -14.82
C GLY A 372 -10.57 -13.72 -13.68
N ARG A 373 -10.77 -12.53 -13.15
CA ARG A 373 -11.79 -12.34 -12.12
C ARG A 373 -12.53 -11.00 -12.26
N TRP A 374 -13.70 -10.95 -11.62
CA TRP A 374 -14.57 -9.79 -11.71
C TRP A 374 -14.17 -8.70 -10.73
N TRP A 375 -14.40 -7.46 -11.12
CA TRP A 375 -14.17 -6.31 -10.25
C TRP A 375 -15.33 -5.34 -10.41
N ALA A 376 -15.56 -4.52 -9.39
CA ALA A 376 -16.62 -3.52 -9.45
C ALA A 376 -16.14 -2.20 -8.87
N PHE A 377 -16.71 -1.11 -9.37
CA PHE A 377 -16.44 0.22 -8.81
C PHE A 377 -17.46 0.52 -7.73
N GLU A 378 -16.98 0.74 -6.52
CA GLU A 378 -17.83 1.09 -5.39
C GLU A 378 -17.54 2.52 -4.99
N MET A 379 -18.39 3.10 -4.14
CA MET A 379 -18.20 4.48 -3.69
C MET A 379 -17.78 4.51 -2.22
N ARG A 380 -16.97 5.51 -1.86
CA ARG A 380 -16.64 5.76 -0.46
C ARG A 380 -17.73 6.60 0.18
N LYS A 381 -17.75 6.64 1.51
CA LYS A 381 -18.72 7.47 2.23
C LYS A 381 -18.08 8.80 2.66
N PHE A 382 -16.76 8.83 2.65
CA PHE A 382 -16.01 10.05 2.94
C PHE A 382 -14.74 10.10 2.10
N THR A 383 -14.33 11.31 1.72
CA THR A 383 -13.23 11.49 0.78
C THR A 383 -12.06 12.29 1.36
N THR A 384 -12.15 12.67 2.63
CA THR A 384 -11.06 13.37 3.30
C THR A 384 -10.84 12.76 4.68
N PRO A 385 -9.62 12.93 5.23
CA PRO A 385 -9.35 12.40 6.57
C PRO A 385 -10.29 12.97 7.63
N GLU A 386 -10.54 14.27 7.58
CA GLU A 386 -11.42 14.94 8.54
C GLU A 386 -12.82 14.33 8.51
N GLU A 387 -13.35 14.14 7.31
CA GLU A 387 -14.68 13.57 7.18
C GLU A 387 -14.69 12.13 7.71
N GLY A 388 -13.60 11.41 7.47
CA GLY A 388 -13.46 10.04 7.92
C GLY A 388 -13.32 9.92 9.42
N VAL A 389 -12.52 10.81 10.01
CA VAL A 389 -12.28 10.78 11.45
C VAL A 389 -13.50 11.25 12.21
N ARG A 390 -14.26 12.17 11.62
CA ARG A 390 -15.50 12.63 12.23
C ARG A 390 -16.44 11.44 12.38
N SER A 391 -16.45 10.59 11.36
CA SER A 391 -17.27 9.39 11.35
C SER A 391 -16.80 8.38 12.38
N TYR A 392 -15.49 8.13 12.39
CA TYR A 392 -14.91 7.13 13.27
C TYR A 392 -15.04 7.52 14.75
N ALA A 393 -14.79 8.79 15.05
CA ALA A 393 -14.85 9.27 16.43
C ALA A 393 -16.27 9.26 16.96
N SER A 394 -17.23 9.53 16.08
CA SER A 394 -18.63 9.60 16.49
C SER A 394 -19.22 8.23 16.78
N THR A 395 -18.89 7.26 15.92
CA THR A 395 -19.43 5.91 16.04
C THR A 395 -18.61 4.98 16.94
N HIS A 396 -17.28 5.01 16.81
CA HIS A 396 -16.41 4.13 17.59
C HIS A 396 -15.75 4.84 18.79
N TRP A 397 -16.50 5.68 19.48
CA TRP A 397 -15.96 6.39 20.65
C TRP A 397 -15.51 5.41 21.74
N HIS A 398 -16.18 4.26 21.82
CA HIS A 398 -15.97 3.34 22.95
C HIS A 398 -14.61 2.65 22.94
N THR A 399 -14.00 2.55 21.78
CA THR A 399 -12.74 1.83 21.65
C THR A 399 -11.53 2.74 21.81
N LEU A 400 -11.77 4.04 22.01
CA LEU A 400 -10.69 5.01 22.15
C LEU A 400 -10.27 5.18 23.61
N GLY A 401 -10.31 4.09 24.37
CA GLY A 401 -10.01 4.14 25.79
C GLY A 401 -11.27 4.42 26.59
N LYS A 402 -11.35 3.85 27.79
CA LYS A 402 -12.55 3.97 28.62
C LYS A 402 -12.95 5.42 28.86
N ASN A 403 -12.11 6.16 29.58
CA ASN A 403 -12.45 7.52 29.97
C ASN A 403 -12.32 8.53 28.84
N VAL A 404 -11.30 8.36 28.00
CA VAL A 404 -11.13 9.23 26.84
C VAL A 404 -12.31 9.05 25.89
N GLY A 405 -12.68 7.79 25.66
CA GLY A 405 -13.78 7.47 24.76
C GLY A 405 -15.09 8.02 25.26
N GLU A 406 -15.32 7.90 26.57
CA GLU A 406 -16.51 8.42 27.20
C GLU A 406 -16.54 9.94 27.12
N SER A 407 -15.37 10.59 27.17
CA SER A 407 -15.31 12.04 26.99
C SER A 407 -15.57 12.45 25.54
N ILE A 408 -15.05 11.66 24.60
CA ILE A 408 -15.24 11.91 23.18
C ILE A 408 -16.71 11.72 22.77
N ARG A 409 -17.42 10.83 23.46
CA ARG A 409 -18.84 10.62 23.19
C ARG A 409 -19.65 11.87 23.48
N GLU A 410 -19.38 12.50 24.62
CA GLU A 410 -20.15 13.67 25.05
C GLU A 410 -19.82 14.88 24.18
N TYR A 411 -18.58 14.97 23.72
CA TYR A 411 -18.14 16.08 22.87
C TYR A 411 -16.73 15.99 22.31
N PHE A 412 -16.61 16.24 21.00
CA PHE A 412 -15.33 16.42 20.34
C PHE A 412 -15.49 17.30 19.10
N GLU A 413 -14.39 17.85 18.60
CA GLU A 413 -14.42 18.64 17.38
C GLU A 413 -13.10 18.54 16.65
N ILE A 414 -13.14 18.50 15.33
CA ILE A 414 -11.94 18.42 14.51
C ILE A 414 -11.44 19.81 14.10
N ILE A 415 -10.31 20.21 14.69
CA ILE A 415 -9.69 21.49 14.38
C ILE A 415 -8.67 21.31 13.26
N SER A 416 -8.66 22.24 12.32
CA SER A 416 -7.75 22.19 11.18
C SER A 416 -7.31 23.58 10.75
N GLY A 417 -6.30 23.64 9.90
CA GLY A 417 -5.82 24.89 9.37
C GLY A 417 -5.16 25.78 10.41
N GLU A 418 -5.38 27.09 10.29
CA GLU A 418 -4.78 28.06 11.21
C GLU A 418 -5.53 28.14 12.53
N LYS A 419 -6.77 27.65 12.54
CA LYS A 419 -7.55 27.60 13.77
C LYS A 419 -6.87 26.66 14.77
N LEU A 420 -6.05 25.75 14.25
CA LEU A 420 -5.29 24.80 15.07
C LEU A 420 -4.00 25.41 15.62
N PHE A 421 -3.36 26.26 14.82
CA PHE A 421 -2.06 26.82 15.19
C PHE A 421 -2.18 27.81 16.34
N LYS A 422 -3.42 28.18 16.65
CA LYS A 422 -3.70 29.08 17.76
C LYS A 422 -3.93 28.28 19.05
N GLU A 423 -4.11 26.96 18.92
CA GLU A 423 -4.27 26.08 20.07
C GLU A 423 -2.91 25.82 20.74
N PRO A 424 -2.91 25.31 21.99
CA PRO A 424 -1.66 25.02 22.68
C PRO A 424 -0.97 23.74 22.20
N VAL A 425 -0.79 23.58 20.90
CA VAL A 425 -0.22 22.34 20.36
C VAL A 425 0.99 22.56 19.43
N THR A 426 1.51 23.78 19.39
CA THR A 426 2.59 24.13 18.48
C THR A 426 3.81 23.23 18.68
N ALA A 427 4.20 23.03 19.94
CA ALA A 427 5.36 22.20 20.28
C ALA A 427 5.18 20.77 19.76
N GLU A 428 4.00 20.21 19.94
CA GLU A 428 3.72 18.86 19.48
C GLU A 428 3.75 18.79 17.97
N LEU A 429 3.27 19.84 17.31
CA LEU A 429 3.25 19.89 15.86
C LEU A 429 4.64 19.96 15.28
N CYS A 430 5.52 20.74 15.91
CA CYS A 430 6.89 20.89 15.46
C CYS A 430 7.70 19.61 15.66
N GLU A 431 7.46 18.92 16.77
CA GLU A 431 8.15 17.65 17.03
C GLU A 431 7.66 16.59 16.06
N MET A 432 6.36 16.58 15.84
CA MET A 432 5.71 15.61 14.97
C MET A 432 6.21 15.70 13.53
N MET A 433 6.33 16.94 13.04
CA MET A 433 6.72 17.17 11.65
C MET A 433 8.23 17.25 11.46
N GLY A 434 8.98 17.27 12.56
CA GLY A 434 10.42 17.33 12.48
C GLY A 434 10.92 18.72 12.11
N VAL A 435 10.17 19.74 12.52
CA VAL A 435 10.56 21.13 12.31
C VAL A 435 11.88 21.39 13.03
N LYS A 436 12.78 22.12 12.37
CA LYS A 436 14.10 22.39 12.92
C LYS A 436 14.14 23.73 13.63
N ASP A 437 15.00 23.84 14.63
CA ASP A 437 15.24 25.09 15.34
C ASP A 437 13.94 25.62 15.96
N SER A 438 13.27 24.74 16.69
CA SER A 438 12.05 25.07 17.43
C SER A 438 12.24 24.78 18.91
N ASN A 439 13.46 24.37 19.28
CA ASN A 439 13.84 24.14 20.68
C ASN A 439 15.09 24.92 21.02
N SER A 440 15.29 25.20 22.30
CA SER A 440 16.49 25.89 22.74
C SER A 440 16.77 25.62 24.20
N SER A 441 18.02 25.27 24.50
CA SER A 441 18.45 25.03 25.87
C SER A 441 18.93 26.33 26.53
N SER A 442 18.60 27.46 25.90
CA SER A 442 19.08 28.76 26.36
C SER A 442 18.49 29.16 27.70
N VAL A 443 19.35 29.66 28.58
CA VAL A 443 18.95 30.14 29.90
C VAL A 443 18.73 31.66 29.87
N MET C 1 -40.03 -14.96 -31.42
CA MET C 1 -39.07 -14.50 -30.38
C MET C 1 -38.92 -15.53 -29.26
N LYS C 2 -39.11 -16.80 -29.62
CA LYS C 2 -38.88 -17.90 -28.69
C LYS C 2 -37.39 -18.20 -28.64
N VAL C 3 -36.98 -19.09 -27.76
CA VAL C 3 -35.58 -19.46 -27.63
C VAL C 3 -34.99 -20.01 -28.93
N GLU C 4 -35.80 -20.77 -29.67
CA GLU C 4 -35.34 -21.48 -30.85
C GLU C 4 -35.47 -20.62 -32.12
N GLU C 5 -36.43 -19.70 -32.10
CA GLU C 5 -36.74 -18.85 -33.25
C GLU C 5 -35.73 -17.72 -33.46
N ILE C 6 -34.88 -17.46 -32.47
CA ILE C 6 -33.91 -16.37 -32.57
C ILE C 6 -32.66 -16.80 -33.36
N LEU C 7 -32.26 -18.05 -33.24
CA LEU C 7 -31.12 -18.55 -34.02
C LEU C 7 -31.46 -18.53 -35.51
N GLU C 8 -32.75 -18.67 -35.83
CA GLU C 8 -33.21 -18.58 -37.21
C GLU C 8 -33.00 -17.17 -37.78
N LYS C 9 -33.45 -16.17 -37.03
CA LYS C 9 -33.40 -14.78 -37.47
C LYS C 9 -31.98 -14.21 -37.48
N ALA C 10 -31.05 -14.96 -36.87
CA ALA C 10 -29.64 -14.55 -36.81
C ALA C 10 -28.89 -14.97 -38.08
N LEU C 11 -29.41 -16.00 -38.75
CA LEU C 11 -28.82 -16.49 -40.00
C LEU C 11 -28.98 -15.45 -41.11
N GLU C 12 -29.85 -14.47 -40.91
CA GLU C 12 -30.07 -13.42 -41.90
C GLU C 12 -28.96 -12.36 -41.90
N LEU C 13 -28.09 -12.41 -40.90
CA LEU C 13 -27.00 -11.43 -40.75
C LEU C 13 -25.61 -12.01 -40.98
N VAL C 14 -25.45 -13.32 -40.80
CA VAL C 14 -24.13 -13.96 -40.87
C VAL C 14 -23.92 -14.75 -42.16
N ILE C 15 -25.00 -15.13 -42.82
CA ILE C 15 -24.91 -15.87 -44.08
C ILE C 15 -24.84 -14.88 -45.25
N PRO C 16 -23.83 -15.02 -46.13
CA PRO C 16 -23.73 -14.10 -47.28
C PRO C 16 -24.88 -14.21 -48.27
N ASP C 17 -25.44 -13.06 -48.67
CA ASP C 17 -26.45 -13.02 -49.73
C ASP C 17 -25.79 -13.36 -51.06
N GLU C 18 -26.59 -13.79 -52.04
CA GLU C 18 -26.04 -14.27 -53.31
C GLU C 18 -25.45 -13.17 -54.19
N GLU C 19 -25.73 -11.90 -53.87
CA GLU C 19 -25.13 -10.79 -54.59
C GLU C 19 -23.64 -10.68 -54.24
N GLU C 20 -23.32 -11.07 -53.01
CA GLU C 20 -21.94 -11.11 -52.52
C GLU C 20 -21.21 -12.36 -53.01
N VAL C 21 -21.91 -13.50 -52.96
CA VAL C 21 -21.33 -14.77 -53.39
C VAL C 21 -20.93 -14.72 -54.87
N ARG C 22 -21.79 -14.14 -55.70
CA ARG C 22 -21.53 -14.02 -57.13
C ARG C 22 -20.25 -13.23 -57.39
N LYS C 23 -20.11 -12.12 -56.69
CA LYS C 23 -18.92 -11.28 -56.77
C LYS C 23 -17.68 -12.04 -56.32
N GLY C 24 -17.88 -12.99 -55.41
CA GLY C 24 -16.79 -13.78 -54.87
C GLY C 24 -16.31 -14.90 -55.78
N ARG C 25 -17.24 -15.69 -56.30
CA ARG C 25 -16.90 -16.79 -57.19
C ARG C 25 -16.27 -16.28 -58.49
N GLU C 26 -16.74 -15.11 -58.94
CA GLU C 26 -16.21 -14.47 -60.13
C GLU C 26 -14.76 -14.01 -59.93
N ALA C 27 -14.48 -13.51 -58.73
CA ALA C 27 -13.13 -13.10 -58.37
C ALA C 27 -12.21 -14.32 -58.29
N GLU C 28 -12.71 -15.41 -57.73
CA GLU C 28 -11.96 -16.66 -57.68
C GLU C 28 -11.65 -17.16 -59.09
N GLU C 29 -12.63 -17.00 -59.99
CA GLU C 29 -12.48 -17.45 -61.36
C GLU C 29 -11.38 -16.67 -62.07
N GLU C 30 -11.33 -15.37 -61.79
CA GLU C 30 -10.34 -14.47 -62.38
C GLU C 30 -8.93 -14.73 -61.83
N LEU C 31 -8.86 -15.13 -60.57
CA LEU C 31 -7.59 -15.41 -59.92
C LEU C 31 -6.93 -16.66 -60.50
N ARG C 32 -7.74 -17.68 -60.76
CA ARG C 32 -7.25 -18.94 -61.30
C ARG C 32 -6.68 -18.81 -62.71
N ARG C 33 -7.28 -17.94 -63.54
CA ARG C 33 -6.77 -17.73 -64.88
C ARG C 33 -5.34 -17.24 -64.78
N ARG C 34 -5.13 -16.29 -63.89
CA ARG C 34 -3.84 -15.63 -63.71
C ARG C 34 -2.82 -16.55 -63.05
N LEU C 35 -3.26 -17.34 -62.08
CA LEU C 35 -2.38 -18.26 -61.37
C LEU C 35 -1.99 -19.46 -62.24
N ASP C 36 -2.95 -19.96 -63.01
CA ASP C 36 -2.71 -21.09 -63.91
C ASP C 36 -1.87 -20.65 -65.11
N GLU C 37 -1.98 -19.37 -65.45
CA GLU C 37 -1.25 -18.81 -66.58
C GLU C 37 0.21 -18.62 -66.21
N LEU C 38 0.49 -18.51 -64.92
CA LEU C 38 1.86 -18.40 -64.44
C LEU C 38 2.40 -19.78 -64.07
N GLY C 39 1.53 -20.79 -64.10
CA GLY C 39 1.93 -22.15 -63.83
C GLY C 39 2.55 -22.31 -62.45
N VAL C 40 1.90 -21.74 -61.43
CA VAL C 40 2.37 -21.85 -60.06
C VAL C 40 1.48 -22.80 -59.25
N GLU C 41 2.08 -23.54 -58.34
CA GLU C 41 1.33 -24.47 -57.49
C GLU C 41 0.74 -23.67 -56.33
N TYR C 42 -0.58 -23.60 -56.29
CA TYR C 42 -1.28 -22.83 -55.27
C TYR C 42 -2.45 -23.63 -54.68
N VAL C 43 -3.04 -23.08 -53.63
CA VAL C 43 -4.19 -23.70 -52.97
C VAL C 43 -5.02 -22.64 -52.25
N PHE C 44 -6.34 -22.69 -52.47
CA PHE C 44 -7.26 -21.78 -51.80
C PHE C 44 -7.59 -22.30 -50.41
N VAL C 45 -7.36 -21.46 -49.39
CA VAL C 45 -7.68 -21.81 -48.01
C VAL C 45 -8.52 -20.71 -47.37
N GLY C 46 -8.74 -20.83 -46.07
CA GLY C 46 -9.44 -19.81 -45.31
C GLY C 46 -10.94 -20.04 -45.29
N SER C 47 -11.68 -19.02 -44.89
CA SER C 47 -13.12 -19.16 -44.71
C SER C 47 -13.84 -19.22 -46.05
N TYR C 48 -13.17 -18.76 -47.10
CA TYR C 48 -13.81 -18.72 -48.40
C TYR C 48 -13.76 -20.09 -49.08
N ALA C 49 -12.64 -20.79 -48.92
CA ALA C 49 -12.48 -22.11 -49.48
C ALA C 49 -13.37 -23.13 -48.76
N ARG C 50 -13.79 -22.79 -47.54
CA ARG C 50 -14.66 -23.64 -46.74
C ARG C 50 -16.09 -23.12 -46.66
N ASN C 51 -16.34 -21.96 -47.25
CA ASN C 51 -17.66 -21.32 -47.23
C ASN C 51 -18.16 -21.09 -45.79
N THR C 52 -17.32 -20.44 -44.99
CA THR C 52 -17.67 -20.09 -43.61
C THR C 52 -17.27 -18.65 -43.30
N TRP C 53 -17.34 -17.79 -44.32
CA TRP C 53 -17.05 -16.37 -44.14
C TRP C 53 -18.33 -15.61 -43.78
N LEU C 54 -18.19 -14.54 -43.01
CA LEU C 54 -19.35 -13.75 -42.58
C LEU C 54 -19.82 -12.80 -43.67
N LYS C 55 -21.12 -12.51 -43.67
CA LYS C 55 -21.72 -11.59 -44.61
C LYS C 55 -21.09 -10.20 -44.45
N GLY C 56 -20.65 -9.64 -45.56
CA GLY C 56 -20.04 -8.31 -45.54
C GLY C 56 -18.57 -8.37 -45.16
N SER C 57 -18.05 -9.59 -45.04
CA SER C 57 -16.63 -9.81 -44.72
C SER C 57 -16.02 -10.83 -45.69
N LEU C 58 -16.14 -10.54 -46.98
CA LEU C 58 -15.61 -11.39 -48.02
C LEU C 58 -14.11 -11.14 -48.22
N GLU C 59 -13.33 -12.20 -48.07
CA GLU C 59 -11.89 -12.12 -48.25
C GLU C 59 -11.34 -13.49 -48.65
N ILE C 60 -10.67 -13.54 -49.80
CA ILE C 60 -10.14 -14.79 -50.33
C ILE C 60 -8.67 -14.96 -49.99
N ASP C 61 -8.33 -16.04 -49.31
CA ASP C 61 -6.95 -16.37 -48.98
C ASP C 61 -6.41 -17.34 -50.02
N VAL C 62 -5.21 -17.06 -50.52
CA VAL C 62 -4.55 -17.93 -51.49
C VAL C 62 -3.13 -18.21 -51.05
N PHE C 63 -2.82 -19.48 -50.81
CA PHE C 63 -1.48 -19.88 -50.41
C PHE C 63 -0.71 -20.44 -51.59
N LEU C 64 0.53 -19.98 -51.75
CA LEU C 64 1.43 -20.46 -52.79
C LEU C 64 2.35 -21.54 -52.22
N LEU C 65 2.48 -22.65 -52.94
CA LEU C 65 3.27 -23.81 -52.48
C LEU C 65 4.62 -23.91 -53.21
N PHE C 66 5.71 -23.72 -52.47
CA PHE C 66 7.06 -23.78 -53.03
C PHE C 66 7.89 -24.94 -52.45
N PRO C 67 8.90 -25.41 -53.21
CA PRO C 67 9.81 -26.47 -52.72
C PRO C 67 10.51 -26.08 -51.42
N GLU C 68 10.85 -27.05 -50.58
CA GLU C 68 11.55 -26.74 -49.33
C GLU C 68 12.93 -26.15 -49.57
N GLU C 69 13.56 -26.50 -50.68
CA GLU C 69 14.92 -26.06 -50.95
C GLU C 69 15.01 -24.56 -51.19
N PHE C 70 13.87 -23.93 -51.47
CA PHE C 70 13.82 -22.48 -51.65
C PHE C 70 14.30 -21.78 -50.38
N SER C 71 15.07 -20.71 -50.54
CA SER C 71 15.53 -19.91 -49.41
C SER C 71 14.38 -19.15 -48.78
N LYS C 72 14.59 -18.67 -47.56
CA LYS C 72 13.61 -17.80 -46.92
C LYS C 72 13.53 -16.49 -47.71
N GLU C 73 14.63 -16.13 -48.36
CA GLU C 73 14.71 -14.92 -49.17
C GLU C 73 14.10 -15.12 -50.55
N GLU C 74 14.24 -16.35 -51.07
CA GLU C 74 13.68 -16.72 -52.36
C GLU C 74 12.17 -16.88 -52.25
N LEU C 75 11.74 -17.43 -51.12
CA LEU C 75 10.33 -17.59 -50.82
C LEU C 75 9.62 -16.25 -50.88
N ARG C 76 10.20 -15.24 -50.22
CA ARG C 76 9.61 -13.91 -50.19
C ARG C 76 9.55 -13.25 -51.57
N GLU C 77 10.71 -13.07 -52.20
CA GLU C 77 10.80 -12.31 -53.45
C GLU C 77 9.98 -12.91 -54.59
N ARG C 78 9.80 -14.22 -54.60
CA ARG C 78 8.98 -14.86 -55.62
C ARG C 78 7.50 -14.84 -55.23
N GLY C 79 7.23 -15.02 -53.94
CA GLY C 79 5.87 -14.98 -53.44
C GLY C 79 5.21 -13.63 -53.68
N LEU C 80 5.92 -12.57 -53.30
CA LEU C 80 5.44 -11.20 -53.47
C LEU C 80 5.33 -10.84 -54.96
N GLU C 81 6.24 -11.39 -55.77
CA GLU C 81 6.26 -11.11 -57.21
C GLU C 81 4.97 -11.61 -57.87
N ILE C 82 4.57 -12.81 -57.51
CA ILE C 82 3.36 -13.41 -58.06
C ILE C 82 2.14 -12.61 -57.62
N GLY C 83 2.09 -12.27 -56.34
CA GLY C 83 0.97 -11.52 -55.80
C GLY C 83 0.71 -10.23 -56.56
N LYS C 84 1.77 -9.46 -56.78
CA LYS C 84 1.64 -8.18 -57.46
C LYS C 84 1.25 -8.33 -58.95
N ALA C 85 1.64 -9.46 -59.53
CA ALA C 85 1.38 -9.71 -60.95
C ALA C 85 -0.02 -10.27 -61.17
N VAL C 86 -0.66 -10.71 -60.08
CA VAL C 86 -1.96 -11.36 -60.14
C VAL C 86 -3.04 -10.41 -59.64
N LEU C 87 -2.67 -9.51 -58.75
CA LEU C 87 -3.62 -8.57 -58.16
C LEU C 87 -3.67 -7.28 -58.98
N ASP C 88 -4.86 -6.69 -59.02
CA ASP C 88 -5.09 -5.44 -59.75
C ASP C 88 -4.37 -4.27 -59.08
N SER C 89 -4.64 -4.09 -57.79
CA SER C 89 -3.90 -3.15 -56.96
C SER C 89 -3.51 -3.85 -55.67
N TYR C 90 -2.35 -3.50 -55.14
CA TYR C 90 -1.80 -4.20 -53.97
C TYR C 90 -1.22 -3.24 -52.94
N GLU C 91 -1.07 -3.73 -51.71
CA GLU C 91 -0.39 -3.01 -50.65
C GLU C 91 0.43 -4.02 -49.83
N ILE C 92 1.74 -3.81 -49.75
CA ILE C 92 2.63 -4.77 -49.09
C ILE C 92 3.14 -4.25 -47.76
N ARG C 93 2.57 -4.81 -46.69
CA ARG C 93 2.91 -4.44 -45.33
C ARG C 93 2.65 -5.65 -44.43
N TYR C 94 3.71 -6.20 -43.85
CA TYR C 94 3.59 -7.38 -43.00
C TYR C 94 4.51 -7.29 -41.79
N ALA C 95 4.21 -8.09 -40.76
CA ALA C 95 4.96 -8.07 -39.51
C ALA C 95 6.02 -9.17 -39.47
N GLU C 96 5.59 -10.42 -39.62
CA GLU C 96 6.50 -11.56 -39.63
C GLU C 96 6.59 -12.17 -41.02
N HIS C 97 5.62 -13.03 -41.36
CA HIS C 97 5.65 -13.75 -42.63
CA HIS C 97 5.65 -13.74 -42.62
C HIS C 97 5.22 -12.83 -43.77
N PRO C 98 5.94 -12.88 -44.90
CA PRO C 98 5.58 -12.00 -46.02
C PRO C 98 4.28 -12.40 -46.69
N TYR C 99 3.56 -11.41 -47.22
CA TYR C 99 2.34 -11.66 -47.99
C TYR C 99 1.92 -10.37 -48.70
N VAL C 100 1.01 -10.51 -49.66
CA VAL C 100 0.54 -9.38 -50.46
C VAL C 100 -0.98 -9.24 -50.38
N HIS C 101 -1.45 -8.13 -49.83
CA HIS C 101 -2.87 -7.82 -49.79
C HIS C 101 -3.24 -6.96 -50.99
N GLY C 102 -4.42 -7.20 -51.57
CA GLY C 102 -4.86 -6.42 -52.72
C GLY C 102 -6.33 -6.57 -53.08
N VAL C 103 -6.65 -6.26 -54.33
CA VAL C 103 -8.03 -6.26 -54.81
C VAL C 103 -8.15 -6.94 -56.17
N VAL C 104 -9.22 -7.72 -56.35
CA VAL C 104 -9.51 -8.35 -57.64
C VAL C 104 -11.00 -8.30 -57.94
N LYS C 105 -11.36 -7.46 -58.91
CA LYS C 105 -12.75 -7.27 -59.32
C LYS C 105 -13.60 -6.83 -58.13
N GLY C 106 -12.99 -6.08 -57.21
CA GLY C 106 -13.69 -5.49 -56.09
C GLY C 106 -13.65 -6.29 -54.79
N VAL C 107 -13.06 -7.48 -54.81
CA VAL C 107 -12.98 -8.30 -53.60
C VAL C 107 -11.56 -8.31 -53.05
N GLU C 108 -11.45 -8.44 -51.74
CA GLU C 108 -10.15 -8.47 -51.07
C GLU C 108 -9.48 -9.84 -51.22
N VAL C 109 -8.19 -9.82 -51.48
CA VAL C 109 -7.41 -11.05 -51.66
C VAL C 109 -6.13 -11.01 -50.82
N ASP C 110 -5.78 -12.15 -50.23
CA ASP C 110 -4.49 -12.34 -49.57
C ASP C 110 -3.68 -13.41 -50.30
N VAL C 111 -2.42 -13.11 -50.61
CA VAL C 111 -1.52 -14.08 -51.25
C VAL C 111 -0.35 -14.42 -50.32
N VAL C 112 -0.36 -15.62 -49.75
CA VAL C 112 0.60 -16.00 -48.71
C VAL C 112 1.54 -17.12 -49.16
N PRO C 113 2.86 -16.84 -49.28
CA PRO C 113 3.79 -17.91 -49.68
C PRO C 113 4.13 -18.88 -48.55
N CYS C 114 4.04 -20.19 -48.80
CA CYS C 114 4.43 -21.20 -47.83
C CYS C 114 5.17 -22.36 -48.50
N TYR C 115 5.53 -23.37 -47.71
CA TYR C 115 6.24 -24.54 -48.22
C TYR C 115 5.31 -25.74 -48.41
N LYS C 116 5.47 -26.46 -49.52
CA LYS C 116 4.77 -27.73 -49.70
C LYS C 116 5.45 -28.81 -48.88
N LEU C 117 4.84 -29.14 -47.75
CA LEU C 117 5.38 -30.16 -46.85
C LEU C 117 4.52 -31.41 -46.91
N LYS C 118 5.14 -32.53 -46.54
CA LYS C 118 4.41 -33.77 -46.28
C LYS C 118 4.52 -34.04 -44.80
N GLU C 119 3.36 -34.17 -44.14
CA GLU C 119 3.25 -34.17 -42.68
C GLU C 119 3.76 -32.83 -42.10
N PRO C 120 2.95 -32.18 -41.25
CA PRO C 120 3.32 -30.87 -40.73
C PRO C 120 4.04 -30.96 -39.39
N LYS C 121 5.02 -31.86 -39.29
CA LYS C 121 5.73 -32.08 -38.04
C LYS C 121 6.68 -30.93 -37.73
N ASN C 122 7.87 -30.93 -38.33
CA ASN C 122 8.84 -29.87 -38.09
C ASN C 122 8.63 -28.71 -39.07
N ILE C 123 7.57 -27.95 -38.84
CA ILE C 123 7.25 -26.80 -39.68
C ILE C 123 8.40 -25.77 -39.71
N LYS C 124 8.51 -25.08 -40.85
CA LYS C 124 9.58 -24.13 -41.09
C LYS C 124 9.12 -22.69 -40.88
N SER C 125 8.05 -22.33 -41.58
CA SER C 125 7.39 -21.04 -41.37
C SER C 125 6.27 -21.23 -40.34
N ALA C 126 5.57 -20.14 -40.02
CA ALA C 126 4.45 -20.22 -39.10
C ALA C 126 3.16 -20.57 -39.84
N VAL C 127 3.11 -20.22 -41.13
CA VAL C 127 1.89 -20.39 -41.91
C VAL C 127 1.87 -21.70 -42.69
N ASP C 128 2.80 -22.59 -42.37
CA ASP C 128 2.96 -23.84 -43.13
C ASP C 128 1.92 -24.89 -42.76
N ARG C 129 1.24 -24.69 -41.63
CA ARG C 129 0.22 -25.62 -41.18
C ARG C 129 -1.12 -25.35 -41.89
N THR C 130 -1.24 -24.20 -42.53
CA THR C 130 -2.54 -23.78 -43.07
C THR C 130 -3.02 -24.68 -44.22
N PRO C 131 -2.12 -25.10 -45.11
CA PRO C 131 -2.59 -26.05 -46.14
C PRO C 131 -3.06 -27.37 -45.51
N PHE C 132 -2.43 -27.77 -44.41
CA PHE C 132 -2.81 -28.98 -43.70
C PHE C 132 -4.10 -28.81 -42.90
N HIS C 133 -4.42 -27.56 -42.55
CA HIS C 133 -5.67 -27.26 -41.87
C HIS C 133 -6.87 -27.44 -42.80
N HIS C 134 -6.76 -26.89 -44.01
CA HIS C 134 -7.85 -26.95 -44.98
C HIS C 134 -8.11 -28.39 -45.43
N LYS C 135 -7.03 -29.15 -45.56
CA LYS C 135 -7.09 -30.55 -45.98
C LYS C 135 -7.88 -31.38 -44.95
N TRP C 136 -7.63 -31.11 -43.68
CA TRP C 136 -8.21 -31.86 -42.57
C TRP C 136 -9.66 -31.47 -42.29
N LEU C 137 -10.00 -30.20 -42.56
CA LEU C 137 -11.29 -29.65 -42.16
C LEU C 137 -12.40 -29.89 -43.17
N GLU C 138 -12.04 -29.90 -44.46
CA GLU C 138 -13.02 -29.96 -45.54
C GLU C 138 -13.88 -31.21 -45.43
N GLY C 139 -13.27 -32.31 -44.99
CA GLY C 139 -13.97 -33.59 -44.88
C GLY C 139 -14.92 -33.64 -43.71
N ARG C 140 -14.63 -32.85 -42.66
CA ARG C 140 -15.40 -32.91 -41.41
C ARG C 140 -16.33 -31.71 -41.23
N ILE C 141 -15.99 -30.58 -41.85
CA ILE C 141 -16.76 -29.36 -41.69
C ILE C 141 -17.92 -29.31 -42.68
N LYS C 142 -17.92 -30.23 -43.64
CA LYS C 142 -18.95 -30.24 -44.66
C LYS C 142 -20.33 -30.49 -44.04
N GLY C 143 -21.25 -29.55 -44.29
CA GLY C 143 -22.61 -29.64 -43.80
C GLY C 143 -22.92 -28.73 -42.62
N LYS C 144 -21.94 -28.51 -41.76
CA LYS C 144 -22.11 -27.72 -40.55
C LYS C 144 -21.51 -26.32 -40.70
N GLU C 145 -21.42 -25.88 -41.95
CA GLU C 145 -20.75 -24.61 -42.28
C GLU C 145 -21.47 -23.40 -41.69
N ASN C 146 -22.80 -23.47 -41.58
CA ASN C 146 -23.58 -22.36 -41.02
C ASN C 146 -23.49 -22.29 -39.50
N GLU C 147 -23.21 -23.42 -38.86
CA GLU C 147 -23.04 -23.44 -37.41
C GLU C 147 -21.77 -22.67 -37.04
N VAL C 148 -20.86 -22.55 -38.00
CA VAL C 148 -19.64 -21.76 -37.82
C VAL C 148 -19.95 -20.27 -37.98
N ARG C 149 -20.73 -19.92 -39.00
CA ARG C 149 -21.11 -18.52 -39.21
C ARG C 149 -21.93 -18.00 -38.03
N LEU C 150 -22.57 -18.91 -37.28
CA LEU C 150 -23.28 -18.52 -36.06
C LEU C 150 -22.30 -18.24 -34.91
N LEU C 151 -21.32 -19.12 -34.76
CA LEU C 151 -20.32 -18.96 -33.70
C LEU C 151 -19.43 -17.76 -33.98
N LYS C 152 -19.09 -17.57 -35.25
CA LYS C 152 -18.25 -16.45 -35.68
C LYS C 152 -19.01 -15.13 -35.53
N GLY C 153 -20.26 -15.11 -35.96
CA GLY C 153 -21.08 -13.90 -35.89
C GLY C 153 -21.30 -13.47 -34.45
N PHE C 154 -21.48 -14.45 -33.58
CA PHE C 154 -21.65 -14.23 -32.15
C PHE C 154 -20.41 -13.58 -31.53
N LEU C 155 -19.23 -14.12 -31.86
CA LEU C 155 -17.97 -13.61 -31.31
C LEU C 155 -17.63 -12.23 -31.88
N LYS C 156 -17.89 -12.03 -33.17
CA LYS C 156 -17.62 -10.75 -33.84
C LYS C 156 -18.51 -9.63 -33.29
N ALA C 157 -19.73 -10.00 -32.87
CA ALA C 157 -20.68 -9.03 -32.34
C ALA C 157 -20.23 -8.48 -30.98
N ASN C 158 -19.37 -9.22 -30.29
CA ASN C 158 -18.86 -8.83 -28.98
C ASN C 158 -17.36 -8.51 -29.00
N GLY C 159 -16.83 -8.19 -30.17
CA GLY C 159 -15.47 -7.72 -30.31
C GLY C 159 -14.42 -8.67 -29.76
N ILE C 160 -14.66 -9.98 -29.93
CA ILE C 160 -13.69 -11.00 -29.54
C ILE C 160 -13.54 -12.07 -30.63
N TYR C 161 -13.71 -11.69 -31.89
CA TYR C 161 -13.47 -12.63 -32.99
C TYR C 161 -12.08 -12.50 -33.61
N GLY C 162 -11.45 -11.34 -33.49
CA GLY C 162 -10.10 -11.21 -34.00
C GLY C 162 -9.11 -12.05 -33.20
N ALA C 163 -8.24 -12.79 -33.90
CA ALA C 163 -7.13 -13.49 -33.24
C ALA C 163 -5.90 -12.60 -33.28
N GLU C 164 -6.01 -11.51 -34.03
CA GLU C 164 -4.96 -10.50 -34.14
C GLU C 164 -4.67 -9.90 -32.76
N TYR C 165 -3.57 -9.16 -32.64
CA TYR C 165 -3.20 -8.61 -31.33
C TYR C 165 -4.04 -7.41 -30.93
N LYS C 166 -4.86 -6.91 -31.85
CA LYS C 166 -5.79 -5.84 -31.55
C LYS C 166 -6.98 -6.37 -30.75
N VAL C 167 -7.23 -7.67 -30.83
CA VAL C 167 -8.42 -8.30 -30.25
C VAL C 167 -8.12 -9.37 -29.21
N ARG C 168 -7.17 -10.25 -29.51
CA ARG C 168 -6.82 -11.37 -28.64
C ARG C 168 -8.03 -12.27 -28.34
N GLY C 169 -8.74 -12.68 -29.38
CA GLY C 169 -9.94 -13.49 -29.27
C GLY C 169 -9.80 -14.86 -29.91
N PHE C 170 -10.91 -15.37 -30.44
CA PHE C 170 -10.96 -16.70 -31.06
C PHE C 170 -10.67 -16.61 -32.56
N SER C 171 -9.63 -17.31 -33.04
CA SER C 171 -9.34 -17.31 -34.47
C SER C 171 -10.47 -17.99 -35.24
N GLY C 172 -10.57 -17.66 -36.53
CA GLY C 172 -11.59 -18.24 -37.39
C GLY C 172 -11.47 -19.75 -37.49
N TYR C 173 -10.23 -20.24 -37.44
CA TYR C 173 -9.97 -21.67 -37.49
C TYR C 173 -10.37 -22.36 -36.19
N LEU C 174 -10.22 -21.66 -35.06
CA LEU C 174 -10.61 -22.20 -33.77
C LEU C 174 -12.12 -22.37 -33.69
N CYS C 175 -12.85 -21.43 -34.28
CA CYS C 175 -14.31 -21.49 -34.29
C CYS C 175 -14.79 -22.71 -35.07
N GLU C 176 -14.11 -23.01 -36.17
CA GLU C 176 -14.46 -24.15 -36.99
C GLU C 176 -14.18 -25.46 -36.23
N LEU C 177 -13.08 -25.49 -35.48
CA LEU C 177 -12.75 -26.66 -34.68
C LEU C 177 -13.76 -26.89 -33.56
N LEU C 178 -14.37 -25.82 -33.06
CA LEU C 178 -15.38 -25.94 -32.01
C LEU C 178 -16.68 -26.55 -32.54
N ILE C 179 -17.09 -26.14 -33.73
CA ILE C 179 -18.32 -26.67 -34.33
C ILE C 179 -18.15 -28.14 -34.70
N VAL C 180 -16.96 -28.53 -35.15
CA VAL C 180 -16.68 -29.94 -35.44
C VAL C 180 -16.67 -30.77 -34.14
N PHE C 181 -16.25 -30.14 -33.04
CA PHE C 181 -16.10 -30.85 -31.76
C PHE C 181 -17.44 -31.05 -31.04
N TYR C 182 -18.30 -30.03 -31.06
CA TYR C 182 -19.56 -30.07 -30.33
C TYR C 182 -20.77 -30.31 -31.23
N GLY C 183 -20.56 -30.13 -32.54
CA GLY C 183 -21.58 -30.45 -33.53
C GLY C 183 -22.42 -29.27 -33.96
N SER C 184 -22.61 -28.31 -33.07
CA SER C 184 -23.42 -27.14 -33.37
C SER C 184 -22.99 -25.95 -32.53
N PHE C 185 -23.48 -24.77 -32.91
CA PHE C 185 -23.25 -23.55 -32.15
C PHE C 185 -23.86 -23.67 -30.76
N LEU C 186 -25.11 -24.10 -30.70
CA LEU C 186 -25.83 -24.21 -29.43
C LEU C 186 -25.15 -25.17 -28.47
N GLU C 187 -24.63 -26.28 -29.00
CA GLU C 187 -23.94 -27.26 -28.16
C GLU C 187 -22.56 -26.74 -27.73
N THR C 188 -22.00 -25.83 -28.52
CA THR C 188 -20.73 -25.19 -28.18
C THR C 188 -20.94 -24.17 -27.05
N VAL C 189 -22.02 -23.39 -27.16
CA VAL C 189 -22.36 -22.42 -26.13
C VAL C 189 -22.67 -23.09 -24.78
N LYS C 190 -23.47 -24.15 -24.81
CA LYS C 190 -23.86 -24.86 -23.59
C LYS C 190 -22.65 -25.33 -22.80
N ASN C 191 -21.74 -26.04 -23.45
CA ASN C 191 -20.59 -26.62 -22.78
C ASN C 191 -19.55 -25.56 -22.39
N ALA C 192 -19.58 -24.43 -23.09
CA ALA C 192 -18.62 -23.35 -22.84
C ALA C 192 -18.82 -22.74 -21.45
N ARG C 193 -20.06 -22.77 -20.96
CA ARG C 193 -20.39 -22.18 -19.67
C ARG C 193 -19.59 -22.76 -18.50
N ARG C 194 -19.11 -23.99 -18.68
CA ARG C 194 -18.38 -24.68 -17.61
C ARG C 194 -16.88 -24.78 -17.92
N TRP C 195 -16.43 -24.05 -18.93
CA TRP C 195 -15.00 -23.95 -19.22
C TRP C 195 -14.26 -23.27 -18.07
N THR C 196 -12.95 -23.49 -18.03
CA THR C 196 -12.09 -22.83 -17.06
C THR C 196 -10.79 -22.45 -17.76
N ARG C 197 -9.85 -21.91 -17.00
CA ARG C 197 -8.58 -21.49 -17.55
C ARG C 197 -7.61 -22.67 -17.73
N ARG C 198 -8.04 -23.86 -17.32
CA ARG C 198 -7.21 -25.07 -17.42
C ARG C 198 -7.84 -26.15 -18.28
N THR C 199 -8.84 -25.77 -19.07
CA THR C 199 -9.50 -26.69 -19.98
C THR C 199 -8.60 -27.02 -21.16
N VAL C 200 -8.49 -28.30 -21.48
CA VAL C 200 -7.76 -28.75 -22.68
C VAL C 200 -8.71 -29.52 -23.60
N ILE C 201 -8.92 -29.00 -24.81
CA ILE C 201 -9.80 -29.62 -25.80
C ILE C 201 -9.00 -30.25 -26.96
N ASP C 202 -8.97 -31.58 -26.99
CA ASP C 202 -8.34 -32.31 -28.09
C ASP C 202 -9.39 -32.73 -29.11
N VAL C 203 -9.44 -32.03 -30.23
CA VAL C 203 -10.48 -32.26 -31.23
C VAL C 203 -10.29 -33.59 -31.94
N ALA C 204 -9.03 -33.96 -32.19
CA ALA C 204 -8.73 -35.17 -32.94
C ALA C 204 -9.19 -36.44 -32.22
N LYS C 205 -9.17 -36.39 -30.88
CA LYS C 205 -9.52 -37.56 -30.06
C LYS C 205 -10.94 -37.49 -29.48
N GLY C 206 -11.63 -36.37 -29.69
CA GLY C 206 -12.95 -36.18 -29.12
C GLY C 206 -12.93 -36.29 -27.60
N GLU C 207 -11.90 -35.71 -26.98
CA GLU C 207 -11.65 -35.82 -25.55
C GLU C 207 -11.31 -34.47 -24.93
N VAL C 208 -11.84 -34.21 -23.73
CA VAL C 208 -11.56 -33.00 -22.96
C VAL C 208 -10.81 -33.35 -21.67
N ARG C 209 -9.68 -32.67 -21.44
CA ARG C 209 -8.88 -32.94 -20.24
C ARG C 209 -8.35 -31.65 -19.59
N LYS C 210 -7.62 -31.80 -18.49
CA LYS C 210 -7.06 -30.67 -17.75
C LYS C 210 -5.59 -30.48 -18.12
N GLY C 211 -5.13 -29.24 -18.07
CA GLY C 211 -3.77 -28.90 -18.42
C GLY C 211 -3.22 -27.75 -17.62
N GLU C 212 -2.16 -27.13 -18.15
CA GLU C 212 -1.50 -26.02 -17.47
C GLU C 212 -2.19 -24.70 -17.80
N GLU C 213 -2.87 -24.67 -18.94
CA GLU C 213 -3.51 -23.47 -19.45
C GLU C 213 -4.63 -23.85 -20.40
N PHE C 214 -5.46 -22.89 -20.79
CA PHE C 214 -6.48 -23.15 -21.79
C PHE C 214 -5.78 -23.53 -23.10
N PHE C 215 -6.10 -24.71 -23.62
CA PHE C 215 -5.33 -25.32 -24.71
C PHE C 215 -6.25 -26.13 -25.63
N VAL C 216 -6.45 -25.64 -26.85
CA VAL C 216 -7.17 -26.40 -27.87
C VAL C 216 -6.15 -27.03 -28.81
N VAL C 217 -5.97 -28.34 -28.73
CA VAL C 217 -4.91 -28.99 -29.52
C VAL C 217 -5.31 -29.01 -30.99
N ASP C 218 -4.36 -28.66 -31.83
CA ASP C 218 -4.54 -28.64 -33.28
C ASP C 218 -4.58 -30.08 -33.79
N PRO C 219 -5.65 -30.45 -34.54
CA PRO C 219 -5.65 -31.80 -35.11
C PRO C 219 -4.44 -32.05 -36.01
N VAL C 220 -3.88 -30.97 -36.54
CA VAL C 220 -2.79 -31.03 -37.50
C VAL C 220 -1.42 -31.07 -36.80
N ASP C 221 -1.32 -30.43 -35.64
CA ASP C 221 -0.08 -30.44 -34.86
C ASP C 221 -0.37 -30.50 -33.36
N GLU C 222 -0.10 -31.65 -32.76
CA GLU C 222 -0.45 -31.88 -31.36
C GLU C 222 0.34 -30.96 -30.42
N LYS C 223 1.41 -30.36 -30.94
CA LYS C 223 2.24 -29.44 -30.16
C LYS C 223 1.68 -28.02 -30.15
N ARG C 224 0.83 -27.70 -31.12
CA ARG C 224 0.35 -26.33 -31.31
C ARG C 224 -0.97 -26.06 -30.62
N ASN C 225 -1.05 -24.92 -29.93
CA ASN C 225 -2.29 -24.47 -29.31
C ASN C 225 -3.03 -23.54 -30.24
N VAL C 226 -4.23 -23.93 -30.66
CA VAL C 226 -5.01 -23.13 -31.60
C VAL C 226 -5.54 -21.87 -30.93
N ALA C 227 -5.82 -21.96 -29.63
CA ALA C 227 -6.34 -20.83 -28.86
C ALA C 227 -5.25 -20.14 -28.05
N ALA C 228 -4.03 -20.14 -28.59
CA ALA C 228 -2.86 -19.58 -27.90
C ALA C 228 -2.98 -18.08 -27.65
N ASN C 229 -3.55 -17.35 -28.62
CA ASN C 229 -3.65 -15.90 -28.53
C ASN C 229 -5.00 -15.43 -28.02
N LEU C 230 -5.70 -16.33 -27.31
CA LEU C 230 -6.92 -15.95 -26.60
C LEU C 230 -6.56 -15.50 -25.19
N SER C 231 -6.73 -14.20 -24.92
CA SER C 231 -6.41 -13.66 -23.60
C SER C 231 -7.35 -14.26 -22.56
N LEU C 232 -6.90 -14.30 -21.32
CA LEU C 232 -7.72 -14.86 -20.25
C LEU C 232 -9.02 -14.08 -20.04
N ASP C 233 -8.98 -12.76 -20.23
CA ASP C 233 -10.17 -11.94 -20.05
C ASP C 233 -11.20 -12.25 -21.13
N ASN C 234 -10.76 -12.33 -22.38
CA ASN C 234 -11.68 -12.62 -23.48
C ASN C 234 -12.27 -14.03 -23.41
N LEU C 235 -11.53 -14.96 -22.81
CA LEU C 235 -12.07 -16.29 -22.52
C LEU C 235 -13.21 -16.15 -21.54
N ALA C 236 -12.98 -15.37 -20.48
CA ALA C 236 -13.99 -15.14 -19.46
C ALA C 236 -15.21 -14.43 -20.06
N ARG C 237 -14.96 -13.45 -20.92
CA ARG C 237 -16.06 -12.73 -21.57
C ARG C 237 -16.92 -13.68 -22.38
N PHE C 238 -16.28 -14.67 -22.99
CA PHE C 238 -17.02 -15.65 -23.78
C PHE C 238 -17.87 -16.54 -22.86
N VAL C 239 -17.24 -17.12 -21.84
CA VAL C 239 -17.96 -17.97 -20.89
C VAL C 239 -19.14 -17.21 -20.28
N HIS C 240 -18.92 -15.94 -19.95
CA HIS C 240 -19.96 -15.10 -19.38
C HIS C 240 -21.12 -14.91 -20.37
N LEU C 241 -20.79 -14.63 -21.63
CA LEU C 241 -21.81 -14.43 -22.65
C LEU C 241 -22.64 -15.70 -22.88
N CYS C 242 -22.00 -16.86 -22.76
CA CYS C 242 -22.68 -18.13 -22.91
C CYS C 242 -23.70 -18.35 -21.79
N ARG C 243 -23.33 -17.99 -20.57
CA ARG C 243 -24.25 -18.10 -19.44
C ARG C 243 -25.38 -17.08 -19.57
N GLU C 244 -25.04 -15.86 -19.99
CA GLU C 244 -26.04 -14.81 -20.18
C GLU C 244 -27.03 -15.22 -21.27
N PHE C 245 -26.52 -15.84 -22.31
CA PHE C 245 -27.33 -16.24 -23.46
C PHE C 245 -28.27 -17.38 -23.10
N MET C 246 -27.74 -18.41 -22.45
CA MET C 246 -28.54 -19.57 -22.06
C MET C 246 -29.58 -19.21 -21.01
N GLU C 247 -29.23 -18.26 -20.14
CA GLU C 247 -30.17 -17.77 -19.11
C GLU C 247 -31.35 -17.02 -19.75
N ALA C 248 -31.06 -16.23 -20.77
CA ALA C 248 -32.07 -15.41 -21.42
C ALA C 248 -31.68 -15.05 -22.85
N PRO C 249 -31.93 -15.96 -23.81
CA PRO C 249 -31.60 -15.74 -25.22
C PRO C 249 -32.24 -14.49 -25.80
N SER C 250 -31.47 -13.76 -26.61
CA SER C 250 -31.94 -12.53 -27.23
C SER C 250 -31.31 -12.37 -28.60
N LEU C 251 -31.92 -11.53 -29.43
CA LEU C 251 -31.41 -11.24 -30.76
C LEU C 251 -30.22 -10.28 -30.72
N GLY C 252 -30.12 -9.52 -29.63
CA GLY C 252 -29.10 -8.48 -29.51
C GLY C 252 -27.67 -8.98 -29.43
N PHE C 253 -27.50 -10.26 -29.10
CA PHE C 253 -26.17 -10.85 -29.00
C PHE C 253 -25.42 -10.84 -30.34
N PHE C 254 -26.16 -10.68 -31.44
CA PHE C 254 -25.58 -10.68 -32.78
C PHE C 254 -25.56 -9.29 -33.40
N LYS C 255 -26.06 -8.31 -32.67
CA LYS C 255 -26.07 -6.92 -33.14
C LYS C 255 -24.84 -6.16 -32.63
N PRO C 256 -24.08 -5.54 -33.54
CA PRO C 256 -22.95 -4.68 -33.15
C PRO C 256 -23.40 -3.59 -32.17
N LYS C 257 -22.68 -3.44 -31.07
CA LYS C 257 -23.14 -2.57 -29.99
C LYS C 257 -22.84 -1.09 -30.25
N HIS C 258 -23.43 -0.25 -29.42
CA HIS C 258 -23.38 1.21 -29.58
C HIS C 258 -21.99 1.76 -29.84
N PRO C 259 -21.89 2.87 -30.59
CA PRO C 259 -20.60 3.57 -30.66
C PRO C 259 -20.25 4.24 -29.33
N LEU C 260 -21.20 4.24 -28.39
CA LEU C 260 -21.01 4.85 -27.08
C LEU C 260 -20.78 6.35 -27.24
N GLU C 261 -21.75 7.01 -27.87
CA GLU C 261 -21.66 8.43 -28.19
C GLU C 261 -22.04 9.30 -26.99
N ILE C 262 -21.03 9.67 -26.20
CA ILE C 262 -21.24 10.55 -25.05
C ILE C 262 -20.58 11.90 -25.28
N GLU C 263 -21.38 12.96 -25.21
CA GLU C 263 -20.91 14.33 -25.36
C GLU C 263 -19.80 14.64 -24.35
N PRO C 264 -18.80 15.45 -24.76
CA PRO C 264 -17.69 15.74 -23.84
C PRO C 264 -18.10 16.45 -22.56
N GLU C 265 -19.31 16.99 -22.51
CA GLU C 265 -19.79 17.66 -21.31
C GLU C 265 -20.27 16.65 -20.27
N ARG C 266 -21.04 15.65 -20.72
CA ARG C 266 -21.52 14.61 -19.82
C ARG C 266 -20.34 13.84 -19.23
N LEU C 267 -19.30 13.63 -20.04
CA LEU C 267 -18.14 12.88 -19.59
C LEU C 267 -17.37 13.63 -18.51
N ARG C 268 -17.30 14.95 -18.64
CA ARG C 268 -16.65 15.78 -17.65
C ARG C 268 -17.41 15.71 -16.32
N LYS C 269 -18.73 15.56 -16.43
CA LYS C 269 -19.60 15.48 -15.26
C LYS C 269 -19.45 14.13 -14.56
N ILE C 270 -19.21 13.09 -15.34
CA ILE C 270 -18.99 11.74 -14.80
C ILE C 270 -17.69 11.69 -14.00
N VAL C 271 -16.65 12.32 -14.53
CA VAL C 271 -15.34 12.32 -13.88
C VAL C 271 -15.39 13.13 -12.58
N GLU C 272 -16.22 14.17 -12.55
CA GLU C 272 -16.40 14.95 -11.32
C GLU C 272 -17.06 14.13 -10.21
N GLU C 273 -18.11 13.40 -10.55
CA GLU C 273 -18.83 12.57 -9.58
C GLU C 273 -17.94 11.44 -9.05
N ARG C 274 -16.96 11.05 -9.85
CA ARG C 274 -15.99 10.03 -9.46
C ARG C 274 -14.87 10.62 -8.62
N GLY C 275 -14.52 11.87 -8.90
CA GLY C 275 -13.46 12.57 -8.18
C GLY C 275 -12.08 11.98 -8.43
N THR C 276 -11.90 11.38 -9.60
CA THR C 276 -10.64 10.75 -9.97
C THR C 276 -9.79 11.64 -10.85
N ALA C 277 -8.51 11.31 -10.97
CA ALA C 277 -7.61 11.96 -11.92
C ALA C 277 -7.58 11.17 -13.22
N VAL C 278 -8.16 11.75 -14.28
CA VAL C 278 -8.20 11.13 -15.60
C VAL C 278 -7.33 11.92 -16.57
N PHE C 279 -6.23 11.31 -16.99
CA PHE C 279 -5.31 11.97 -17.91
C PHE C 279 -4.83 10.99 -18.97
N ALA C 280 -4.13 11.51 -19.97
CA ALA C 280 -3.65 10.69 -21.07
C ALA C 280 -2.29 11.15 -21.59
N VAL C 281 -1.49 10.19 -22.03
CA VAL C 281 -0.21 10.47 -22.67
C VAL C 281 -0.43 10.42 -24.18
N LYS C 282 -0.08 11.50 -24.87
CA LYS C 282 -0.32 11.63 -26.31
C LYS C 282 1.00 11.73 -27.08
N PHE C 283 1.15 10.89 -28.12
CA PHE C 283 2.35 10.91 -28.94
C PHE C 283 2.07 10.51 -30.39
N ARG C 284 3.08 10.67 -31.26
CA ARG C 284 2.92 10.34 -32.67
C ARG C 284 2.79 8.83 -32.85
N LYS C 285 1.86 8.42 -33.70
CA LYS C 285 1.69 7.01 -33.99
C LYS C 285 2.92 6.51 -34.76
N PRO C 286 3.61 5.48 -34.22
CA PRO C 286 4.71 4.93 -35.00
C PRO C 286 4.18 4.31 -36.28
N ASP C 287 4.84 4.55 -37.42
CA ASP C 287 4.36 4.01 -38.68
C ASP C 287 4.66 2.50 -38.74
N ILE C 288 3.85 1.71 -38.03
CA ILE C 288 4.01 0.26 -37.99
C ILE C 288 2.68 -0.49 -38.03
N VAL C 289 2.75 -1.79 -38.29
CA VAL C 289 1.58 -2.66 -38.40
C VAL C 289 0.92 -2.87 -37.02
N ASP C 290 -0.38 -3.16 -37.03
CA ASP C 290 -1.13 -3.32 -35.79
C ASP C 290 -0.55 -4.40 -34.87
N ASP C 291 -0.11 -5.49 -35.46
CA ASP C 291 0.40 -6.62 -34.67
C ASP C 291 1.75 -6.31 -34.01
N ASN C 292 2.35 -5.18 -34.38
CA ASN C 292 3.56 -4.70 -33.72
C ASN C 292 3.26 -3.53 -32.78
N LEU C 293 2.29 -2.71 -33.16
CA LEU C 293 1.94 -1.52 -32.39
C LEU C 293 1.23 -1.88 -31.09
N TYR C 294 0.19 -2.70 -31.17
CA TYR C 294 -0.68 -2.93 -30.02
C TYR C 294 0.02 -3.67 -28.87
N PRO C 295 0.85 -4.68 -29.18
CA PRO C 295 1.64 -5.28 -28.10
C PRO C 295 2.54 -4.26 -27.39
N GLN C 296 2.93 -3.21 -28.10
CA GLN C 296 3.76 -2.15 -27.52
C GLN C 296 2.92 -1.16 -26.71
N LEU C 297 1.73 -0.84 -27.20
CA LEU C 297 0.79 -0.01 -26.45
C LEU C 297 0.38 -0.71 -25.16
N GLU C 298 0.24 -2.02 -25.23
CA GLU C 298 -0.09 -2.82 -24.05
C GLU C 298 1.04 -2.75 -23.02
N ARG C 299 2.29 -2.75 -23.51
CA ARG C 299 3.45 -2.71 -22.62
C ARG C 299 3.67 -1.35 -21.98
N ALA C 300 3.63 -0.30 -22.79
CA ALA C 300 3.84 1.06 -22.29
C ALA C 300 2.79 1.40 -21.24
N SER C 301 1.55 1.05 -21.55
CA SER C 301 0.43 1.35 -20.67
C SER C 301 0.59 0.63 -19.34
N ARG C 302 1.06 -0.62 -19.40
CA ARG C 302 1.28 -1.39 -18.18
C ARG C 302 2.43 -0.81 -17.37
N LYS C 303 3.53 -0.49 -18.05
CA LYS C 303 4.72 0.03 -17.37
C LYS C 303 4.43 1.32 -16.64
N ILE C 304 3.60 2.17 -17.24
CA ILE C 304 3.23 3.43 -16.61
C ILE C 304 2.25 3.16 -15.47
N PHE C 305 1.37 2.19 -15.69
CA PHE C 305 0.41 1.81 -14.67
C PHE C 305 1.11 1.31 -13.41
N GLU C 306 2.11 0.44 -13.60
CA GLU C 306 2.90 -0.07 -12.49
C GLU C 306 3.67 1.05 -11.79
N PHE C 307 4.10 2.04 -12.56
CA PHE C 307 4.78 3.20 -11.98
C PHE C 307 3.84 3.95 -11.04
N LEU C 308 2.60 4.14 -11.49
CA LEU C 308 1.57 4.82 -10.70
C LEU C 308 1.26 4.05 -9.42
N GLU C 309 1.28 2.72 -9.47
CA GLU C 309 1.05 1.93 -8.27
C GLU C 309 2.12 2.22 -7.21
N ARG C 310 3.38 2.01 -7.56
CA ARG C 310 4.46 2.10 -6.57
C ARG C 310 4.74 3.54 -6.16
N GLU C 311 4.15 4.51 -6.85
CA GLU C 311 4.27 5.90 -6.45
C GLU C 311 3.05 6.35 -5.63
N ASN C 312 2.15 5.40 -5.34
CA ASN C 312 0.97 5.61 -4.48
C ASN C 312 -0.09 6.58 -5.01
N PHE C 313 -0.26 6.62 -6.33
CA PHE C 313 -1.36 7.37 -6.92
C PHE C 313 -2.61 6.51 -7.10
N MET C 314 -2.53 5.26 -6.62
CA MET C 314 -3.67 4.34 -6.58
C MET C 314 -4.45 4.34 -7.90
N PRO C 315 -3.86 3.72 -8.94
CA PRO C 315 -4.52 3.70 -10.24
C PRO C 315 -5.69 2.73 -10.27
N LEU C 316 -6.71 3.02 -11.09
CA LEU C 316 -7.87 2.15 -11.22
C LEU C 316 -7.73 1.26 -12.44
N ARG C 317 -7.87 1.84 -13.62
CA ARG C 317 -7.72 1.11 -14.87
C ARG C 317 -6.91 1.91 -15.87
N SER C 318 -6.43 1.23 -16.90
CA SER C 318 -5.74 1.88 -18.00
C SER C 318 -6.44 1.49 -19.29
N ALA C 319 -6.09 2.17 -20.37
CA ALA C 319 -6.66 1.91 -21.67
C ALA C 319 -5.79 2.62 -22.68
N PHE C 320 -5.98 2.30 -23.96
CA PHE C 320 -5.23 2.98 -25.01
C PHE C 320 -6.03 3.07 -26.29
N LYS C 321 -5.66 4.03 -27.13
CA LYS C 321 -6.35 4.24 -28.40
C LYS C 321 -5.36 4.69 -29.44
N ALA C 322 -5.51 4.20 -30.66
CA ALA C 322 -4.67 4.58 -31.80
C ALA C 322 -5.51 5.20 -32.91
N SER C 323 -5.45 6.52 -33.03
CA SER C 323 -6.07 7.21 -34.17
C SER C 323 -5.16 7.06 -35.37
N GLU C 324 -5.40 7.82 -36.44
CA GLU C 324 -4.57 7.69 -37.63
C GLU C 324 -3.18 8.31 -37.42
N GLU C 325 -3.14 9.43 -36.71
CA GLU C 325 -1.90 10.19 -36.55
C GLU C 325 -1.31 10.05 -35.14
N PHE C 326 -2.17 9.91 -34.14
CA PHE C 326 -1.74 9.91 -32.74
C PHE C 326 -2.14 8.65 -31.97
N CYS C 327 -1.38 8.38 -30.90
CA CYS C 327 -1.69 7.32 -29.96
C CYS C 327 -1.98 7.90 -28.58
N TYR C 328 -2.92 7.29 -27.86
CA TYR C 328 -3.29 7.76 -26.54
C TYR C 328 -3.15 6.65 -25.50
N LEU C 329 -2.50 6.98 -24.39
CA LEU C 329 -2.45 6.09 -23.23
C LEU C 329 -3.26 6.71 -22.12
N LEU C 330 -4.39 6.10 -21.82
CA LEU C 330 -5.34 6.66 -20.86
C LEU C 330 -5.18 6.07 -19.46
N PHE C 331 -5.36 6.90 -18.44
CA PHE C 331 -5.25 6.46 -17.06
C PHE C 331 -6.29 7.14 -16.16
N GLU C 332 -6.69 6.43 -15.11
CA GLU C 332 -7.58 6.96 -14.09
C GLU C 332 -7.01 6.63 -12.71
N CYS C 333 -6.84 7.66 -11.88
CA CYS C 333 -6.26 7.51 -10.55
C CYS C 333 -7.17 8.03 -9.44
N GLN C 334 -7.09 7.41 -8.28
CA GLN C 334 -7.89 7.80 -7.13
C GLN C 334 -7.28 9.03 -6.45
N ILE C 335 -5.98 9.20 -6.60
CA ILE C 335 -5.26 10.34 -6.04
C ILE C 335 -4.98 11.41 -7.10
N LYS C 336 -5.64 12.56 -6.98
CA LYS C 336 -5.38 13.69 -7.87
C LYS C 336 -4.12 14.43 -7.46
N GLU C 337 -3.85 14.41 -6.15
CA GLU C 337 -2.71 15.13 -5.58
C GLU C 337 -2.25 14.49 -4.27
N ILE C 338 -0.94 14.40 -4.10
CA ILE C 338 -0.35 13.86 -2.87
C ILE C 338 0.59 14.89 -2.24
N SER C 339 0.87 14.73 -0.95
CA SER C 339 1.71 15.70 -0.23
C SER C 339 3.11 15.68 -0.80
N ARG C 340 3.87 16.75 -0.58
CA ARG C 340 5.24 16.78 -1.03
C ARG C 340 6.11 15.90 -0.14
N VAL C 341 5.79 15.83 1.15
CA VAL C 341 6.56 14.98 2.08
C VAL C 341 6.07 13.54 2.12
N PHE C 342 7.03 12.63 2.32
CA PHE C 342 6.74 11.23 2.57
C PHE C 342 7.78 10.70 3.56
N ARG C 343 7.55 9.52 4.10
CA ARG C 343 8.48 8.97 5.08
C ARG C 343 9.26 7.81 4.48
N ARG C 344 10.58 7.96 4.54
CA ARG C 344 11.50 6.94 4.04
C ARG C 344 12.07 6.15 5.20
N MET C 345 12.15 4.84 5.01
CA MET C 345 12.58 3.92 6.05
C MET C 345 14.10 3.95 6.21
N GLY C 346 14.56 4.06 7.46
CA GLY C 346 15.96 3.98 7.79
C GLY C 346 16.30 2.65 8.45
N PRO C 347 17.53 2.51 8.94
CA PRO C 347 17.97 1.27 9.59
C PRO C 347 17.52 1.18 11.04
N GLN C 348 17.65 0.01 11.65
CA GLN C 348 17.32 -0.16 13.05
C GLN C 348 18.38 0.55 13.88
N PHE C 349 18.03 0.94 15.11
CA PHE C 349 18.87 1.84 15.87
C PHE C 349 20.21 1.22 16.28
N GLU C 350 20.33 -0.10 16.15
CA GLU C 350 21.53 -0.80 16.61
C GLU C 350 22.77 -0.49 15.79
N ASP C 351 22.80 -0.86 14.50
CA ASP C 351 24.03 -0.70 13.70
C ASP C 351 24.29 0.74 13.29
N GLU C 352 25.18 1.40 14.04
CA GLU C 352 25.45 2.83 13.88
C GLU C 352 26.19 3.17 12.60
N ARG C 353 26.81 2.19 11.96
CA ARG C 353 27.50 2.43 10.70
C ARG C 353 26.48 2.87 9.65
N ASN C 354 25.34 2.19 9.63
CA ASN C 354 24.26 2.49 8.68
C ASN C 354 23.44 3.70 9.10
N VAL C 355 23.26 3.88 10.41
CA VAL C 355 22.51 5.01 10.93
C VAL C 355 23.22 6.32 10.60
N LYS C 356 24.52 6.37 10.87
CA LYS C 356 25.28 7.61 10.68
C LYS C 356 25.24 8.06 9.22
N LYS C 357 25.24 7.09 8.30
CA LYS C 357 25.06 7.40 6.89
C LYS C 357 23.67 7.99 6.65
N PHE C 358 22.67 7.38 7.27
CA PHE C 358 21.27 7.80 7.12
C PHE C 358 21.06 9.22 7.63
N LEU C 359 21.71 9.57 8.74
CA LEU C 359 21.54 10.87 9.36
C LEU C 359 22.44 11.95 8.77
N SER C 360 23.51 11.53 8.09
CA SER C 360 24.44 12.46 7.48
C SER C 360 23.80 13.15 6.28
N ARG C 361 22.83 12.47 5.65
CA ARG C 361 22.16 12.99 4.45
C ARG C 361 21.41 14.28 4.74
N ASN C 362 21.66 15.31 3.93
CA ASN C 362 21.00 16.58 4.11
C ASN C 362 19.51 16.49 3.80
N ARG C 363 18.69 16.88 4.78
CA ARG C 363 17.25 16.91 4.61
C ARG C 363 16.72 18.18 5.28
N ALA C 364 15.47 18.52 4.97
CA ALA C 364 14.89 19.77 5.46
C ALA C 364 14.26 19.60 6.83
N PHE C 365 13.92 18.36 7.17
CA PHE C 365 13.21 18.06 8.41
C PHE C 365 14.00 17.04 9.23
N ARG C 366 13.90 17.12 10.55
CA ARG C 366 14.56 16.15 11.43
C ARG C 366 14.04 14.72 11.24
N PRO C 367 14.95 13.74 11.25
CA PRO C 367 14.48 12.34 11.20
C PRO C 367 14.04 11.89 12.60
N PHE C 368 13.50 10.68 12.73
CA PHE C 368 12.91 10.24 13.99
C PHE C 368 12.92 8.72 14.18
N ILE C 369 12.78 8.29 15.43
CA ILE C 369 12.72 6.87 15.78
C ILE C 369 11.27 6.41 15.97
N GLU C 370 10.97 5.22 15.47
CA GLU C 370 9.65 4.63 15.59
C GLU C 370 9.73 3.09 15.55
N ASN C 371 9.23 2.45 16.60
CA ASN C 371 9.27 0.99 16.72
C ASN C 371 10.67 0.42 16.50
N GLY C 372 11.67 1.17 16.93
CA GLY C 372 13.03 0.68 16.94
C GLY C 372 13.86 0.93 15.70
N ARG C 373 13.35 1.70 14.74
CA ARG C 373 14.18 2.06 13.59
C ARG C 373 13.97 3.50 13.18
N TRP C 374 14.96 4.03 12.48
CA TRP C 374 14.97 5.43 12.11
C TRP C 374 14.12 5.63 10.87
N TRP C 375 13.49 6.78 10.80
CA TRP C 375 12.69 7.17 9.66
C TRP C 375 13.04 8.61 9.35
N ALA C 376 12.86 9.01 8.09
CA ALA C 376 13.14 10.37 7.69
C ALA C 376 12.06 10.92 6.77
N PHE C 377 11.86 12.23 6.83
CA PHE C 377 10.97 12.91 5.92
C PHE C 377 11.76 13.39 4.71
N GLU C 378 11.36 12.92 3.54
CA GLU C 378 11.96 13.33 2.28
C GLU C 378 10.89 14.07 1.49
N MET C 379 11.29 14.75 0.41
CA MET C 379 10.35 15.46 -0.45
C MET C 379 10.21 14.75 -1.80
N ARG C 380 9.03 14.85 -2.39
CA ARG C 380 8.80 14.34 -3.74
C ARG C 380 9.24 15.36 -4.77
N LYS C 381 9.40 14.92 -6.01
CA LYS C 381 9.75 15.80 -7.12
C LYS C 381 8.49 16.18 -7.91
N PHE C 382 7.43 15.42 -7.68
CA PHE C 382 6.14 15.67 -8.32
C PHE C 382 5.01 15.33 -7.34
N THR C 383 3.89 16.04 -7.44
CA THR C 383 2.80 15.87 -6.49
C THR C 383 1.51 15.44 -7.16
N THR C 384 1.53 15.23 -8.47
CA THR C 384 0.35 14.79 -9.19
C THR C 384 0.66 13.65 -10.15
N PRO C 385 -0.34 12.81 -10.46
CA PRO C 385 -0.10 11.72 -11.39
C PRO C 385 0.37 12.22 -12.75
N GLU C 386 -0.21 13.32 -13.22
CA GLU C 386 0.16 13.87 -14.52
C GLU C 386 1.63 14.25 -14.57
N GLU C 387 2.11 14.97 -13.55
CA GLU C 387 3.51 15.36 -13.48
C GLU C 387 4.41 14.16 -13.26
N GLY C 388 3.91 13.18 -12.51
CA GLY C 388 4.66 11.97 -12.23
C GLY C 388 4.88 11.11 -13.45
N VAL C 389 3.84 10.98 -14.27
CA VAL C 389 3.94 10.17 -15.49
C VAL C 389 4.80 10.88 -16.52
N ARG C 390 4.75 12.21 -16.57
CA ARG C 390 5.62 12.96 -17.47
C ARG C 390 7.10 12.74 -17.12
N SER C 391 7.40 12.66 -15.83
CA SER C 391 8.78 12.41 -15.41
C SER C 391 9.20 11.01 -15.84
N TYR C 392 8.32 10.05 -15.59
CA TYR C 392 8.62 8.65 -15.88
C TYR C 392 8.84 8.41 -17.37
N ALA C 393 8.00 9.04 -18.20
CA ALA C 393 8.08 8.86 -19.64
C ALA C 393 9.35 9.50 -20.18
N SER C 394 9.79 10.58 -19.56
CA SER C 394 10.97 11.30 -20.02
C SER C 394 12.23 10.50 -19.75
N THR C 395 12.29 9.89 -18.57
CA THR C 395 13.50 9.17 -18.16
C THR C 395 13.48 7.74 -18.69
N HIS C 396 12.35 7.07 -18.56
CA HIS C 396 12.23 5.67 -18.95
C HIS C 396 11.51 5.47 -20.30
N TRP C 397 11.78 6.35 -21.27
CA TRP C 397 11.14 6.23 -22.58
C TRP C 397 11.47 4.90 -23.26
N HIS C 398 12.67 4.38 -22.98
CA HIS C 398 13.21 3.22 -23.71
C HIS C 398 12.53 1.90 -23.38
N THR C 399 11.94 1.79 -22.20
CA THR C 399 11.37 0.52 -21.77
C THR C 399 9.88 0.42 -22.12
N LEU C 400 9.33 1.46 -22.73
CA LEU C 400 7.91 1.52 -23.08
C LEU C 400 7.60 0.94 -24.47
N GLY C 401 8.35 -0.08 -24.88
CA GLY C 401 8.21 -0.65 -26.20
C GLY C 401 9.13 0.04 -27.18
N LYS C 402 9.63 -0.72 -28.16
CA LYS C 402 10.65 -0.20 -29.08
C LYS C 402 10.22 1.07 -29.81
N ASN C 403 9.22 0.95 -30.67
CA ASN C 403 8.82 2.07 -31.52
C ASN C 403 7.99 3.12 -30.78
N VAL C 404 7.12 2.67 -29.90
CA VAL C 404 6.32 3.57 -29.08
C VAL C 404 7.25 4.39 -28.18
N GLY C 405 8.25 3.74 -27.62
CA GLY C 405 9.19 4.38 -26.72
C GLY C 405 10.00 5.48 -27.39
N GLU C 406 10.47 5.21 -28.60
CA GLU C 406 11.24 6.18 -29.37
C GLU C 406 10.41 7.40 -29.76
N SER C 407 9.12 7.20 -30.01
CA SER C 407 8.22 8.29 -30.33
C SER C 407 7.97 9.17 -29.10
N ILE C 408 7.85 8.53 -27.95
CA ILE C 408 7.61 9.26 -26.71
C ILE C 408 8.87 10.05 -26.36
N ARG C 409 10.03 9.53 -26.72
CA ARG C 409 11.30 10.25 -26.52
C ARG C 409 11.32 11.52 -27.37
N GLU C 410 10.88 11.43 -28.62
CA GLU C 410 10.97 12.59 -29.50
C GLU C 410 10.01 13.66 -29.03
N TYR C 411 8.80 13.27 -28.64
CA TYR C 411 7.83 14.23 -28.10
C TYR C 411 6.54 13.53 -27.66
N PHE C 412 6.04 13.95 -26.50
CA PHE C 412 4.75 13.52 -25.98
C PHE C 412 4.18 14.65 -25.13
N GLU C 413 2.89 14.58 -24.81
CA GLU C 413 2.28 15.61 -23.96
C GLU C 413 1.15 15.01 -23.13
N ILE C 414 1.03 15.46 -21.88
CA ILE C 414 0.01 14.95 -20.96
C ILE C 414 -1.27 15.78 -21.06
N ILE C 415 -2.30 15.18 -21.65
CA ILE C 415 -3.59 15.84 -21.81
C ILE C 415 -4.53 15.53 -20.65
N SER C 416 -5.18 16.57 -20.15
CA SER C 416 -6.10 16.47 -19.02
C SER C 416 -7.21 17.49 -19.18
N GLY C 417 -8.24 17.41 -18.32
CA GLY C 417 -9.31 18.37 -18.34
C GLY C 417 -10.18 18.27 -19.59
N GLU C 418 -10.58 19.42 -20.12
CA GLU C 418 -11.44 19.45 -21.30
C GLU C 418 -10.66 19.19 -22.59
N LYS C 419 -9.35 19.42 -22.57
CA LYS C 419 -8.52 19.12 -23.72
C LYS C 419 -8.48 17.62 -23.99
N LEU C 420 -8.74 16.81 -22.96
CA LEU C 420 -8.75 15.36 -23.11
C LEU C 420 -10.07 14.84 -23.69
N PHE C 421 -11.18 15.46 -23.28
CA PHE C 421 -12.50 15.03 -23.71
C PHE C 421 -12.76 15.38 -25.17
N LYS C 422 -11.91 16.24 -25.74
CA LYS C 422 -12.04 16.66 -27.13
C LYS C 422 -11.24 15.73 -28.07
N GLU C 423 -10.35 14.93 -27.52
CA GLU C 423 -9.59 13.97 -28.32
C GLU C 423 -10.49 12.77 -28.63
N PRO C 424 -10.10 11.94 -29.62
CA PRO C 424 -10.91 10.78 -30.02
C PRO C 424 -10.82 9.58 -29.07
N VAL C 425 -11.00 9.80 -27.77
CA VAL C 425 -10.82 8.74 -26.79
C VAL C 425 -12.07 8.56 -25.93
N THR C 426 -13.16 9.20 -26.33
CA THR C 426 -14.40 9.18 -25.57
C THR C 426 -14.89 7.76 -25.32
N ALA C 427 -14.92 6.95 -26.38
CA ALA C 427 -15.40 5.57 -26.27
C ALA C 427 -14.56 4.76 -25.29
N GLU C 428 -13.24 4.91 -25.38
CA GLU C 428 -12.32 4.15 -24.53
C GLU C 428 -12.46 4.55 -23.07
N LEU C 429 -12.66 5.84 -22.81
CA LEU C 429 -12.80 6.33 -21.45
C LEU C 429 -14.08 5.82 -20.79
N CYS C 430 -15.17 5.81 -21.55
CA CYS C 430 -16.46 5.35 -21.03
C CYS C 430 -16.42 3.86 -20.74
N GLU C 431 -15.72 3.11 -21.59
CA GLU C 431 -15.54 1.68 -21.38
C GLU C 431 -14.68 1.42 -20.15
N MET C 432 -13.63 2.22 -20.03
CA MET C 432 -12.67 2.10 -18.94
C MET C 432 -13.36 2.31 -17.60
N MET C 433 -14.24 3.31 -17.53
CA MET C 433 -14.92 3.68 -16.30
C MET C 433 -16.20 2.88 -16.09
N GLY C 434 -16.61 2.14 -17.12
CA GLY C 434 -17.79 1.30 -17.06
C GLY C 434 -19.08 2.11 -17.11
N VAL C 435 -19.05 3.28 -17.73
CA VAL C 435 -20.26 4.07 -17.86
C VAL C 435 -21.28 3.27 -18.67
N LYS C 436 -22.48 3.13 -18.10
CA LYS C 436 -23.57 2.39 -18.75
C LYS C 436 -24.67 3.33 -19.23
N ASP C 437 -25.37 2.92 -20.30
CA ASP C 437 -26.56 3.62 -20.80
C ASP C 437 -27.16 2.87 -21.97
#